data_8SYO
#
_entry.id   8SYO
#
_cell.length_a   1.00
_cell.length_b   1.00
_cell.length_c   1.00
_cell.angle_alpha   90.00
_cell.angle_beta   90.00
_cell.angle_gamma   90.00
#
_symmetry.space_group_name_H-M   'P 1'
#
loop_
_entity.id
_entity.type
_entity.pdbx_description
1 polymer 'VPS35 endosomal protein-sorting factor-like'
2 polymer 'Vacuolar protein sorting-associated protein 29'
3 polymer 'Vacuolar protein sorting-associated protein 26C'
#
loop_
_entity_poly.entity_id
_entity_poly.type
_entity_poly.pdbx_seq_one_letter_code
_entity_poly.pdbx_strand_id
1 'polypeptide(L)'
;MAVFPWHSRNRNYKAEFASCRLEAVPLEFGDYHPLKPITVTESKTKKVNRKGSTSSTSSSSSSSVVDPLSSVLDGTDPLS
MFAATADPAALAAAMDSSRRKRDRDDNSVVGSDFEPWTNKRGEILARYTTTEKLSINLFMGSEKGKAGTATLAMSEKVRT
RLEELDDFEEGSQKELLNLTQQDYVNRIEELNQSLKDAWASDQKVKALKIVIQCSKLLSDTSVIQFYPSKFVLITDILDT
FGKLVYERIFSMCVDSRSVLPDHFSPENANDTAKETCLNWFFKIASIRELIPRFYVEASILKCNKFLSKTGISECLPRLT
CMIRGIGDPLVSVYARAYLCRVGMEVAPHLKETLNKNFFDFLLTFKQIHGDTVQNQLVVQGVELPSYLPLYPPAMDWIFQ
CISYHAPEALLTEMMERCKKLGNNALLLNSVMSAFRAEFIATRSMDFIGMIKECDESGFPKHLLFRSLGLNLALADPPES
DRLQILNEAWKVITKLKNPQDYINCAEVWVEYTCKHFTKREVNTVLADVIKHMTPDRAFEDSYPQLQLIIKKVIAHFHDF
SVLFSVEKFLPFLDMFQKESVRVEVCKCIMDAFIKHQQEPTKDPVILNALLHVCKTMHDSVNALTLEDEKRMLSYLINGF
IKMVSFGRDFEQQLSFYVESRSMFCNLEPVLVQLIHSVNRLAMETRKVMKGNHSRKTAAFVRACVAYCFITIPSLAGIFT
RLNLYLHSGQVALANQCLSQADAFFKAAISLVPEVPKMINIDGKMRPSESFLLEFLCNFFSTLLIVPDHPEHGVLFLVRE
LLNVIQDYTWEDNSDEKIRIYTCVLHLLSAMSQETYLYHIDKVDSNDSLYGGDSKFLAENNKLCETVMAQILEHLKTLAK
DEALKRQSSLGLSFFNSILAHGDLRNNKLNQLSVNLWHLAQRHGCADTRTMVKTLEYIKKQSKQPDMTHLTELALRLPLQ
TRT
;
A
2 'polypeptide(L)'
;MAGHRLVLVLGDLHIPHRCNSLPAKFKKLLVPGKIQHILCTGNLCTKESYDYLKTLAGDVHIVRGDFDENLNYPEQKVVT
VGQFKIGLIHGHQVIPWGDMASLALLQRQFDVDILISGHTHKFEAFEHENKFYINPGSATGAYNALETNIIPSFVLMDIQ
ASTVVTYVYQLIGDDVKVERIEYKKPENLYFQGGGSGGSHHHHHH
;
B
3 'polypeptide(L)'
;MGTALDIKIKRANKVYHAGEVLSGVVVISSKDSVQHQGVSLTMEGTVNLQLSAKSVGVFEAFYNSVKPIQIINSTIEMVK
PGKFPSGKTEIPFEFPLHLKGNKVLYETYHGVFVNIQYTLRCDMKRSLLAKDLTKTCEFIVHSAPQKGKFTPSPVDFTIT
PETLQNVKERALLPKFLLRGHLNSTNCVITQPLTGELVVESSEAAIRSVELQLVRVETCGCAEGYARDATEIQNIQIADG
DVCRGLSVPIYMVFPRLFTCPTLETTNFKVEFEVNIVVLLHPDHLITENFPLKLCRI
;
C
#
# COMPACT_ATOMS: atom_id res chain seq x y z
CA VAL A 3 51.94 -22.84 -47.58
C VAL A 3 52.45 -23.65 -46.39
N PHE A 4 52.37 -23.07 -45.20
CA PHE A 4 52.84 -23.75 -44.00
C PHE A 4 51.88 -24.87 -43.63
N PRO A 5 52.35 -26.10 -43.46
CA PRO A 5 51.45 -27.19 -43.04
C PRO A 5 51.22 -27.19 -41.54
N TRP A 6 50.26 -28.00 -41.12
CA TRP A 6 49.91 -28.15 -39.72
C TRP A 6 50.25 -29.56 -39.25
N HIS A 7 50.90 -29.65 -38.09
CA HIS A 7 51.14 -30.91 -37.42
C HIS A 7 50.53 -30.83 -36.02
N SER A 8 49.82 -31.89 -35.63
CA SER A 8 49.13 -31.91 -34.35
C SER A 8 50.04 -32.48 -33.28
N ARG A 9 50.28 -31.71 -32.23
CA ARG A 9 51.06 -32.19 -31.10
C ARG A 9 50.35 -33.36 -30.44
N ASN A 10 51.11 -34.41 -30.13
CA ASN A 10 50.52 -35.58 -29.50
C ASN A 10 50.02 -35.23 -28.10
N ARG A 11 48.78 -35.60 -27.81
CA ARG A 11 48.16 -35.32 -26.53
C ARG A 11 47.66 -36.62 -25.91
N ASN A 12 48.07 -36.88 -24.68
CA ASN A 12 47.61 -38.03 -23.90
C ASN A 12 46.74 -37.48 -22.77
N TYR A 13 45.43 -37.42 -23.02
CA TYR A 13 44.53 -36.77 -22.08
C TYR A 13 44.53 -37.47 -20.73
N LYS A 14 44.52 -38.80 -20.72
CA LYS A 14 44.52 -39.54 -19.46
C LYS A 14 45.80 -39.27 -18.67
N ALA A 15 46.95 -39.41 -19.33
CA ALA A 15 48.23 -39.21 -18.64
C ALA A 15 48.38 -37.76 -18.19
N GLU A 16 48.02 -36.80 -19.04
CA GLU A 16 48.14 -35.39 -18.67
C GLU A 16 47.23 -35.06 -17.49
N PHE A 17 45.99 -35.56 -17.51
CA PHE A 17 45.08 -35.32 -16.39
C PHE A 17 45.61 -35.96 -15.11
N ALA A 18 46.11 -37.19 -15.19
CA ALA A 18 46.63 -37.85 -14.00
C ALA A 18 47.83 -37.10 -13.43
N SER A 19 48.74 -36.64 -14.30
CA SER A 19 49.90 -35.91 -13.83
C SER A 19 49.52 -34.57 -13.23
N CYS A 20 48.56 -33.87 -13.85
CA CYS A 20 48.17 -32.54 -13.41
C CYS A 20 47.11 -32.56 -12.31
N ARG A 21 46.49 -33.71 -12.03
CA ARG A 21 45.45 -33.77 -11.03
C ARG A 21 46.02 -33.53 -9.64
N LEU A 22 45.39 -32.64 -8.88
CA LEU A 22 45.83 -32.34 -7.53
C LEU A 22 45.38 -33.44 -6.59
N GLU A 23 46.30 -33.89 -5.73
CA GLU A 23 45.97 -34.89 -4.74
C GLU A 23 44.98 -34.32 -3.74
N ALA A 24 43.97 -35.11 -3.39
CA ALA A 24 42.90 -34.67 -2.49
C ALA A 24 42.80 -35.65 -1.33
N VAL A 25 42.59 -35.09 -0.13
CA VAL A 25 42.50 -35.89 1.09
C VAL A 25 41.06 -35.91 1.57
N PRO A 26 40.40 -37.07 1.56
CA PRO A 26 39.00 -37.15 2.01
C PRO A 26 38.85 -36.73 3.46
N LEU A 27 37.60 -36.54 3.86
CA LEU A 27 37.27 -36.07 5.21
C LEU A 27 36.32 -37.05 5.87
N GLU A 28 36.68 -37.50 7.07
CA GLU A 28 35.84 -38.38 7.86
C GLU A 28 34.93 -37.55 8.76
N PHE A 29 34.01 -38.23 9.44
CA PHE A 29 33.10 -37.56 10.34
C PHE A 29 33.87 -36.89 11.47
N GLY A 30 33.51 -35.64 11.77
CA GLY A 30 34.21 -34.84 12.74
C GLY A 30 35.25 -33.90 12.14
N ASP A 31 35.69 -34.16 10.92
CA ASP A 31 36.60 -33.24 10.24
C ASP A 31 35.87 -31.95 9.90
N TYR A 32 36.60 -30.84 9.94
CA TYR A 32 35.99 -29.53 9.78
C TYR A 32 35.94 -29.15 8.32
N HIS A 33 34.73 -28.97 7.79
CA HIS A 33 34.48 -28.30 6.53
C HIS A 33 33.57 -27.11 6.78
N PRO A 34 33.75 -26.02 6.04
CA PRO A 34 33.09 -24.75 6.41
C PRO A 34 31.58 -24.85 6.56
N LEU A 35 30.91 -25.64 5.74
CA LEU A 35 29.46 -25.71 5.78
C LEU A 35 28.93 -26.60 6.90
N LYS A 36 29.78 -27.03 7.82
CA LYS A 36 29.31 -27.77 8.97
C LYS A 36 28.47 -26.84 9.86
N PRO A 37 27.25 -27.26 10.26
CA PRO A 37 26.35 -26.50 11.14
C PRO A 37 27.04 -25.91 12.36
N VAL A 110 -4.54 7.53 21.47
CA VAL A 110 -5.13 6.62 20.52
C VAL A 110 -4.05 5.89 19.71
N GLY A 111 -4.17 4.56 19.65
CA GLY A 111 -3.19 3.73 18.97
C GLY A 111 -3.58 3.41 17.54
N SER A 112 -2.84 2.47 16.96
CA SER A 112 -3.14 2.01 15.61
C SER A 112 -4.42 1.20 15.53
N ASP A 113 -4.90 0.69 16.66
CA ASP A 113 -6.17 -0.02 16.67
C ASP A 113 -7.35 0.89 16.38
N PHE A 114 -7.17 2.20 16.55
CA PHE A 114 -8.23 3.17 16.31
C PHE A 114 -8.23 3.55 14.84
N GLU A 115 -9.36 3.32 14.17
CA GLU A 115 -9.50 3.69 12.78
C GLU A 115 -9.76 5.19 12.67
N PRO A 116 -8.89 5.95 12.02
CA PRO A 116 -9.05 7.42 12.01
C PRO A 116 -10.16 7.86 11.07
N TRP A 117 -10.65 9.07 11.34
CA TRP A 117 -11.72 9.64 10.52
C TRP A 117 -11.26 9.91 9.09
N THR A 118 -9.94 10.05 8.88
CA THR A 118 -9.43 10.37 7.55
C THR A 118 -9.79 9.28 6.55
N ASN A 119 -9.71 8.01 6.96
CA ASN A 119 -10.07 6.93 6.06
C ASN A 119 -11.57 6.94 5.77
N LYS A 120 -12.40 7.02 6.82
CA LYS A 120 -13.85 6.98 6.64
C LYS A 120 -14.34 8.14 5.79
N ARG A 121 -13.58 9.24 5.75
CA ARG A 121 -13.89 10.36 4.87
C ARG A 121 -14.13 9.89 3.44
N GLY A 122 -13.23 9.04 2.94
CA GLY A 122 -13.32 8.62 1.55
C GLY A 122 -14.58 7.84 1.24
N GLU A 123 -14.89 6.84 2.08
CA GLU A 123 -16.09 6.05 1.84
C GLU A 123 -17.35 6.88 1.99
N ILE A 124 -17.40 7.76 2.98
CA ILE A 124 -18.62 8.55 3.16
C ILE A 124 -18.82 9.50 1.99
N LEU A 125 -17.74 10.11 1.49
CA LEU A 125 -17.87 10.98 0.32
C LEU A 125 -18.24 10.19 -0.93
N ALA A 126 -17.67 8.99 -1.09
CA ALA A 126 -17.90 8.23 -2.31
C ALA A 126 -19.32 7.69 -2.38
N ARG A 127 -19.81 7.09 -1.29
CA ARG A 127 -21.11 6.42 -1.34
C ARG A 127 -22.25 7.41 -1.46
N TYR A 128 -22.21 8.50 -0.68
CA TYR A 128 -23.36 9.37 -0.52
C TYR A 128 -23.26 10.52 -1.53
N THR A 129 -23.67 10.22 -2.76
CA THR A 129 -23.68 11.17 -3.85
C THR A 129 -25.08 11.24 -4.41
N THR A 130 -25.56 12.46 -4.67
CA THR A 130 -26.89 12.67 -5.22
C THR A 130 -26.80 13.44 -6.53
N THR A 131 -27.67 13.10 -7.47
CA THR A 131 -27.74 13.77 -8.75
C THR A 131 -28.69 14.95 -8.78
N GLU A 132 -29.45 15.16 -7.70
CA GLU A 132 -30.37 16.28 -7.65
C GLU A 132 -29.61 17.59 -7.53
N LYS A 133 -30.28 18.68 -7.90
CA LYS A 133 -29.67 20.00 -7.86
C LYS A 133 -29.68 20.52 -6.42
N LEU A 134 -28.49 20.77 -5.88
CA LEU A 134 -28.35 21.25 -4.52
C LEU A 134 -28.40 22.78 -4.49
N SER A 135 -28.56 23.32 -3.28
CA SER A 135 -28.56 24.75 -3.08
C SER A 135 -27.73 25.08 -1.85
N ILE A 136 -26.82 26.03 -1.99
CA ILE A 136 -25.95 26.48 -0.89
C ILE A 136 -26.33 27.92 -0.60
N ASN A 137 -27.12 28.12 0.45
CA ASN A 137 -27.58 29.45 0.84
C ASN A 137 -26.70 29.97 1.97
N LEU A 138 -26.01 31.07 1.71
CA LEU A 138 -25.16 31.73 2.69
C LEU A 138 -25.71 33.12 2.98
N PHE A 139 -25.19 33.72 4.06
CA PHE A 139 -25.55 35.07 4.44
C PHE A 139 -27.04 35.19 4.74
N GLU A 175 -27.64 34.30 -2.17
CA GLU A 175 -28.48 33.12 -2.35
C GLU A 175 -28.17 32.43 -3.68
N LEU A 176 -27.83 31.15 -3.61
CA LEU A 176 -27.46 30.38 -4.79
C LEU A 176 -28.41 29.19 -4.94
N LEU A 177 -28.82 28.92 -6.18
CA LEU A 177 -29.75 27.85 -6.48
C LEU A 177 -29.23 27.03 -7.66
N ASN A 178 -29.73 25.80 -7.75
CA ASN A 178 -29.49 24.91 -8.89
C ASN A 178 -27.99 24.65 -9.08
N LEU A 179 -27.43 23.98 -8.08
CA LEU A 179 -26.01 23.63 -8.05
C LEU A 179 -25.85 22.12 -8.04
N THR A 180 -24.95 21.61 -8.87
CA THR A 180 -24.65 20.20 -8.89
C THR A 180 -23.70 19.84 -7.75
N GLN A 181 -23.49 18.53 -7.56
CA GLN A 181 -22.67 18.07 -6.44
C GLN A 181 -21.23 18.54 -6.58
N GLN A 182 -20.65 18.43 -7.78
CA GLN A 182 -19.27 18.87 -7.97
C GLN A 182 -19.13 20.36 -7.76
N ASP A 183 -20.10 21.14 -8.25
CA ASP A 183 -20.08 22.58 -8.01
C ASP A 183 -20.31 22.90 -6.54
N TYR A 184 -21.10 22.09 -5.84
CA TYR A 184 -21.25 22.26 -4.40
C TYR A 184 -19.93 22.05 -3.67
N VAL A 185 -19.19 21.00 -4.05
CA VAL A 185 -17.89 20.75 -3.45
C VAL A 185 -16.94 21.88 -3.77
N ASN A 186 -16.98 22.39 -5.01
CA ASN A 186 -16.12 23.50 -5.40
C ASN A 186 -16.44 24.75 -4.59
N ARG A 187 -17.73 25.02 -4.35
CA ARG A 187 -18.11 26.18 -3.56
C ARG A 187 -17.65 26.03 -2.11
N ILE A 188 -17.76 24.83 -1.55
CA ILE A 188 -17.27 24.62 -0.19
C ILE A 188 -15.75 24.79 -0.12
N GLU A 189 -15.04 24.31 -1.13
CA GLU A 189 -13.60 24.52 -1.18
C GLU A 189 -13.25 26.00 -1.31
N GLU A 190 -14.05 26.74 -2.07
CA GLU A 190 -13.87 28.19 -2.15
C GLU A 190 -14.08 28.84 -0.79
N LEU A 191 -15.10 28.38 -0.04
CA LEU A 191 -15.32 28.90 1.30
C LEU A 191 -14.13 28.60 2.21
N ASN A 192 -13.58 27.40 2.12
CA ASN A 192 -12.41 27.05 2.93
C ASN A 192 -11.22 27.92 2.58
N GLN A 193 -10.99 28.13 1.28
CA GLN A 193 -9.89 28.98 0.85
C GLN A 193 -10.09 30.42 1.31
N SER A 194 -11.34 30.90 1.27
CA SER A 194 -11.63 32.23 1.78
C SER A 194 -11.37 32.33 3.27
N LEU A 195 -11.73 31.28 4.02
CA LEU A 195 -11.38 31.19 5.44
C LEU A 195 -9.88 31.35 5.65
N LYS A 196 -9.10 30.56 4.92
CA LYS A 196 -7.64 30.59 5.09
C LYS A 196 -7.08 31.96 4.72
N ASP A 197 -7.55 32.54 3.62
CA ASP A 197 -7.05 33.84 3.19
C ASP A 197 -7.42 34.92 4.19
N ALA A 198 -8.65 34.89 4.71
CA ALA A 198 -9.07 35.88 5.69
C ALA A 198 -8.26 35.78 6.97
N TRP A 199 -7.96 34.55 7.40
CA TRP A 199 -7.15 34.39 8.61
C TRP A 199 -5.73 34.88 8.38
N ALA A 200 -5.13 34.52 7.23
CA ALA A 200 -3.77 34.96 6.94
C ALA A 200 -3.69 36.46 6.71
N SER A 201 -4.82 37.12 6.49
CA SER A 201 -4.86 38.57 6.26
C SER A 201 -5.24 39.35 7.50
N ASP A 202 -5.23 38.72 8.67
CA ASP A 202 -5.56 39.33 9.96
C ASP A 202 -7.02 39.76 10.04
N GLN A 203 -7.90 39.17 9.23
CA GLN A 203 -9.34 39.40 9.34
C GLN A 203 -9.96 38.19 10.01
N LYS A 204 -9.91 38.18 11.34
CA LYS A 204 -10.38 37.05 12.11
C LYS A 204 -11.91 37.01 12.20
N VAL A 205 -12.55 38.17 12.24
CA VAL A 205 -14.01 38.20 12.34
C VAL A 205 -14.63 37.61 11.08
N LYS A 206 -14.05 37.90 9.91
CA LYS A 206 -14.55 37.30 8.68
C LYS A 206 -14.37 35.79 8.70
N ALA A 207 -13.25 35.32 9.24
CA ALA A 207 -13.03 33.88 9.37
C ALA A 207 -14.10 33.24 10.25
N LEU A 208 -14.39 33.87 11.38
CA LEU A 208 -15.42 33.35 12.27
C LEU A 208 -16.78 33.30 11.60
N LYS A 209 -17.13 34.36 10.86
CA LYS A 209 -18.44 34.41 10.24
C LYS A 209 -18.56 33.38 9.11
N ILE A 210 -17.48 33.16 8.37
CA ILE A 210 -17.47 32.12 7.34
C ILE A 210 -17.66 30.75 7.96
N VAL A 211 -16.95 30.47 9.05
CA VAL A 211 -17.12 29.19 9.73
C VAL A 211 -18.55 29.05 10.26
N ILE A 212 -19.12 30.14 10.78
CA ILE A 212 -20.49 30.09 11.29
C ILE A 212 -21.47 29.75 10.18
N GLN A 213 -21.31 30.37 9.01
CA GLN A 213 -22.20 30.09 7.89
C GLN A 213 -22.04 28.65 7.40
N CYS A 214 -20.80 28.19 7.32
CA CYS A 214 -20.58 26.81 6.90
C CYS A 214 -21.22 25.82 7.87
N SER A 215 -21.12 26.10 9.17
CA SER A 215 -21.81 25.27 10.15
C SER A 215 -23.32 25.37 10.01
N LYS A 216 -23.83 26.57 9.72
CA LYS A 216 -25.25 26.76 9.48
C LYS A 216 -25.73 25.84 8.36
N LEU A 217 -24.89 25.64 7.36
CA LEU A 217 -25.27 24.74 6.27
C LEU A 217 -25.60 23.34 6.76
N LEU A 218 -24.99 22.91 7.87
CA LEU A 218 -25.26 21.58 8.41
C LEU A 218 -26.63 21.49 9.07
N SER A 219 -27.26 22.62 9.39
CA SER A 219 -28.58 22.60 9.99
C SER A 219 -29.68 22.42 8.98
N ASP A 220 -29.36 22.42 7.69
CA ASP A 220 -30.35 22.31 6.62
C ASP A 220 -30.36 20.89 6.07
N THR A 221 -31.56 20.36 5.87
CA THR A 221 -31.73 19.01 5.35
C THR A 221 -32.56 19.03 4.08
N SER A 222 -32.25 19.95 3.17
CA SER A 222 -33.01 20.08 1.92
C SER A 222 -32.92 18.82 1.08
N VAL A 223 -31.71 18.25 0.97
CA VAL A 223 -31.49 16.99 0.29
C VAL A 223 -30.88 16.04 1.32
N ILE A 224 -31.68 15.09 1.80
CA ILE A 224 -31.22 14.21 2.87
C ILE A 224 -30.08 13.34 2.40
N GLN A 225 -30.16 12.82 1.18
CA GLN A 225 -29.18 11.86 0.70
C GLN A 225 -27.77 12.44 0.63
N PHE A 226 -27.65 13.77 0.54
CA PHE A 226 -26.34 14.40 0.48
C PHE A 226 -25.80 14.79 1.85
N TYR A 227 -26.58 14.58 2.91
CA TYR A 227 -26.15 15.05 4.23
C TYR A 227 -24.84 14.42 4.71
N PRO A 228 -24.61 13.11 4.59
CA PRO A 228 -23.32 12.57 5.07
C PRO A 228 -22.11 13.23 4.42
N SER A 229 -22.04 13.21 3.10
CA SER A 229 -20.89 13.82 2.41
C SER A 229 -20.77 15.30 2.75
N LYS A 230 -21.91 16.01 2.75
CA LYS A 230 -21.91 17.39 3.21
C LYS A 230 -21.27 17.52 4.58
N PHE A 231 -21.68 16.65 5.52
CA PHE A 231 -21.10 16.67 6.85
C PHE A 231 -19.58 16.52 6.78
N VAL A 232 -19.10 15.65 5.89
CA VAL A 232 -17.67 15.45 5.73
C VAL A 232 -16.98 16.68 5.16
N LEU A 233 -17.66 17.42 4.27
CA LEU A 233 -17.00 18.59 3.68
C LEU A 233 -16.91 19.73 4.68
N ILE A 234 -18.06 20.15 5.22
CA ILE A 234 -18.10 21.31 6.10
C ILE A 234 -17.22 21.09 7.33
N THR A 235 -17.23 19.89 7.89
CA THR A 235 -16.43 19.62 9.08
C THR A 235 -14.95 19.88 8.81
N ASP A 236 -14.50 19.64 7.58
CA ASP A 236 -13.12 19.95 7.23
C ASP A 236 -12.81 21.41 7.52
N ILE A 237 -13.69 22.31 7.07
CA ILE A 237 -13.52 23.73 7.36
C ILE A 237 -13.41 23.93 8.87
N LEU A 238 -14.29 23.28 9.63
CA LEU A 238 -14.22 23.39 11.08
C LEU A 238 -12.86 22.95 11.59
N ASP A 239 -12.36 21.81 11.09
CA ASP A 239 -11.03 21.37 11.47
C ASP A 239 -9.99 22.41 11.09
N THR A 240 -10.11 22.95 9.87
CA THR A 240 -9.18 23.99 9.44
C THR A 240 -9.29 25.20 10.35
N PHE A 241 -10.48 25.47 10.88
CA PHE A 241 -10.61 26.53 11.88
C PHE A 241 -9.95 26.09 13.19
N GLY A 242 -10.24 24.87 13.63
CA GLY A 242 -9.87 24.47 14.97
C GLY A 242 -8.38 24.51 15.21
N LYS A 243 -7.61 23.97 14.27
CA LYS A 243 -6.15 24.07 14.35
C LYS A 243 -5.71 25.51 14.20
N LEU A 244 -6.30 26.24 13.25
CA LEU A 244 -5.75 27.54 12.86
C LEU A 244 -5.91 28.56 13.98
N VAL A 245 -7.00 28.48 14.74
CA VAL A 245 -7.11 29.30 15.95
C VAL A 245 -6.04 28.87 16.95
N TYR A 246 -5.92 27.56 17.19
CA TYR A 246 -5.06 27.05 18.25
C TYR A 246 -3.64 27.57 18.09
N GLU A 247 -3.04 27.38 16.91
CA GLU A 247 -1.68 27.82 16.67
C GLU A 247 -1.50 29.28 17.05
N ARG A 248 -2.49 30.11 16.73
CA ARG A 248 -2.39 31.54 17.05
C ARG A 248 -2.14 31.73 18.54
N ILE A 249 -2.97 31.13 19.39
CA ILE A 249 -2.74 31.26 20.83
C ILE A 249 -1.39 30.67 21.19
N PHE A 250 -1.03 29.53 20.58
CA PHE A 250 0.28 28.97 20.82
C PHE A 250 1.37 29.93 20.38
N SER A 251 1.17 30.61 19.25
CA SER A 251 2.14 31.60 18.81
C SER A 251 2.26 32.73 19.81
N MET A 252 1.19 33.03 20.55
CA MET A 252 1.28 34.04 21.58
C MET A 252 1.87 33.49 22.87
N CYS A 253 1.78 32.18 23.08
CA CYS A 253 2.32 31.60 24.31
C CYS A 253 3.83 31.73 24.36
N VAL A 254 4.50 31.53 23.24
CA VAL A 254 5.95 31.63 23.18
C VAL A 254 6.37 33.05 22.85
N ASN A 268 -1.15 27.90 31.61
CA ASN A 268 -0.53 29.01 32.34
C ASN A 268 0.30 29.90 31.42
N ALA A 269 -0.26 30.25 30.26
CA ALA A 269 0.42 31.09 29.30
C ALA A 269 0.35 32.55 29.73
N ASN A 270 0.93 33.43 28.92
CA ASN A 270 0.93 34.84 29.24
C ASN A 270 -0.48 35.42 29.15
N ASP A 271 -0.63 36.63 29.66
CA ASP A 271 -1.96 37.24 29.72
C ASP A 271 -2.53 37.50 28.33
N THR A 272 -1.67 37.73 27.34
CA THR A 272 -2.16 37.98 25.99
C THR A 272 -2.82 36.74 25.40
N ALA A 273 -2.20 35.58 25.56
CA ALA A 273 -2.79 34.35 25.04
C ALA A 273 -4.11 34.04 25.73
N LYS A 274 -4.16 34.21 27.04
CA LYS A 274 -5.41 33.97 27.76
C LYS A 274 -6.50 34.94 27.34
N GLU A 275 -6.14 36.22 27.14
CA GLU A 275 -7.13 37.19 26.71
C GLU A 275 -7.66 36.87 25.33
N THR A 276 -6.78 36.48 24.39
CA THR A 276 -7.24 36.11 23.06
C THR A 276 -8.13 34.87 23.11
N CYS A 277 -7.77 33.88 23.92
CA CYS A 277 -8.57 32.67 24.03
C CYS A 277 -9.95 32.97 24.62
N LEU A 278 -10.00 33.80 25.67
CA LEU A 278 -11.28 34.18 26.25
C LEU A 278 -12.12 34.98 25.26
N ASN A 279 -11.49 35.87 24.49
CA ASN A 279 -12.24 36.61 23.48
C ASN A 279 -12.85 35.67 22.45
N TRP A 280 -12.08 34.67 22.00
CA TRP A 280 -12.62 33.72 21.04
C TRP A 280 -13.77 32.92 21.64
N PHE A 281 -13.62 32.47 22.88
CA PHE A 281 -14.67 31.69 23.51
C PHE A 281 -15.94 32.52 23.72
N PHE A 282 -15.79 33.79 24.07
CA PHE A 282 -16.97 34.64 24.25
C PHE A 282 -17.65 34.92 22.92
N LYS A 283 -16.87 35.22 21.88
CA LYS A 283 -17.43 35.42 20.56
C LYS A 283 -18.22 34.20 20.09
N ILE A 284 -17.68 33.01 20.36
CA ILE A 284 -18.36 31.79 19.95
C ILE A 284 -19.59 31.53 20.81
N ALA A 285 -19.51 31.84 22.11
CA ALA A 285 -20.66 31.71 22.99
C ALA A 285 -21.76 32.71 22.66
N SER A 286 -21.46 33.75 21.88
CA SER A 286 -22.47 34.72 21.49
C SER A 286 -23.28 34.30 20.27
N ILE A 287 -23.01 33.12 19.70
CA ILE A 287 -23.72 32.69 18.50
C ILE A 287 -25.15 32.31 18.83
N ARG A 288 -26.08 32.75 17.99
CA ARG A 288 -27.51 32.53 18.24
C ARG A 288 -27.92 31.10 17.95
N GLU A 289 -27.78 30.67 16.69
CA GLU A 289 -28.25 29.37 16.28
C GLU A 289 -27.49 28.27 17.00
N LEU A 290 -28.21 27.22 17.39
CA LEU A 290 -27.66 26.21 18.27
C LEU A 290 -26.58 25.38 17.58
N ILE A 291 -26.89 24.88 16.39
CA ILE A 291 -26.00 23.97 15.65
C ILE A 291 -24.70 24.67 15.28
N PRO A 292 -24.72 25.88 14.69
CA PRO A 292 -23.46 26.59 14.47
C PRO A 292 -22.66 26.82 15.74
N ARG A 293 -23.34 27.17 16.84
CA ARG A 293 -22.64 27.40 18.09
C ARG A 293 -21.93 26.14 18.56
N PHE A 294 -22.65 25.01 18.54
CA PHE A 294 -22.04 23.76 18.97
C PHE A 294 -20.85 23.41 18.10
N TYR A 295 -21.01 23.50 16.79
CA TYR A 295 -19.93 23.08 15.89
C TYR A 295 -18.70 23.96 16.06
N VAL A 296 -18.89 25.28 16.07
CA VAL A 296 -17.76 26.20 16.16
C VAL A 296 -17.09 26.07 17.52
N GLU A 297 -17.87 25.82 18.58
CA GLU A 297 -17.27 25.72 19.91
C GLU A 297 -16.53 24.41 20.08
N ALA A 298 -17.07 23.31 19.55
CA ALA A 298 -16.38 22.02 19.64
C ALA A 298 -15.16 22.00 18.74
N SER A 299 -15.13 22.86 17.72
CA SER A 299 -13.97 22.92 16.85
C SER A 299 -12.73 23.37 17.60
N ILE A 300 -12.89 24.28 18.56
CA ILE A 300 -11.75 24.85 19.26
C ILE A 300 -11.68 24.33 20.70
N LEU A 301 -12.19 23.12 20.93
CA LEU A 301 -12.15 22.53 22.26
C LEU A 301 -10.73 22.51 22.81
N LYS A 302 -9.74 22.27 21.94
CA LYS A 302 -8.35 22.20 22.37
C LYS A 302 -7.91 23.49 23.06
N CYS A 303 -8.42 24.63 22.60
CA CYS A 303 -8.04 25.91 23.19
C CYS A 303 -8.42 26.00 24.66
N ASN A 304 -9.34 25.15 25.12
CA ASN A 304 -9.69 25.14 26.53
C ASN A 304 -8.50 24.79 27.41
N LYS A 305 -7.45 24.22 26.82
CA LYS A 305 -6.22 23.94 27.57
C LYS A 305 -5.61 25.21 28.14
N PHE A 306 -5.80 26.35 27.47
CA PHE A 306 -5.13 27.57 27.88
C PHE A 306 -5.86 28.31 29.01
N LEU A 307 -7.04 27.86 29.40
CA LEU A 307 -7.81 28.54 30.44
C LEU A 307 -7.73 27.83 31.78
N SER A 308 -7.65 26.51 31.80
CA SER A 308 -7.53 25.73 33.02
C SER A 308 -7.17 24.30 32.63
N LYS A 309 -6.64 23.55 33.61
CA LYS A 309 -6.34 22.14 33.39
C LYS A 309 -7.60 21.29 33.34
N THR A 310 -8.74 21.83 33.76
CA THR A 310 -10.01 21.11 33.74
C THR A 310 -11.00 21.68 32.74
N GLY A 311 -10.52 22.49 31.79
CA GLY A 311 -11.43 23.12 30.85
C GLY A 311 -12.11 22.13 29.92
N ILE A 312 -11.34 21.18 29.39
CA ILE A 312 -11.92 20.18 28.49
C ILE A 312 -12.87 19.27 29.26
N SER A 313 -12.47 18.85 30.46
CA SER A 313 -13.33 18.00 31.28
C SER A 313 -14.60 18.70 31.73
N GLU A 314 -14.64 20.03 31.66
CA GLU A 314 -15.83 20.78 32.01
C GLU A 314 -16.62 21.23 30.79
N CYS A 315 -16.02 21.19 29.61
CA CYS A 315 -16.69 21.61 28.37
C CYS A 315 -17.28 20.45 27.59
N LEU A 316 -16.63 19.29 27.60
CA LEU A 316 -17.13 18.14 26.85
C LEU A 316 -18.51 17.68 27.33
N PRO A 317 -18.77 17.48 28.63
CA PRO A 317 -20.13 17.11 29.04
C PRO A 317 -21.16 18.15 28.67
N ARG A 318 -20.78 19.43 28.71
CA ARG A 318 -21.71 20.50 28.37
C ARG A 318 -22.10 20.46 26.90
N LEU A 319 -21.14 20.18 26.00
CA LEU A 319 -21.49 20.01 24.59
C LEU A 319 -22.36 18.78 24.39
N THR A 320 -22.04 17.68 25.09
CA THR A 320 -22.85 16.48 24.96
C THR A 320 -24.30 16.74 25.36
N CYS A 321 -24.50 17.50 26.44
CA CYS A 321 -25.85 17.86 26.84
C CYS A 321 -26.48 18.86 25.86
N MET A 322 -25.68 19.78 25.32
CA MET A 322 -26.18 20.75 24.36
C MET A 322 -26.74 20.09 23.12
N ILE A 323 -26.19 18.93 22.74
CA ILE A 323 -26.69 18.24 21.55
C ILE A 323 -28.16 17.87 21.68
N ARG A 324 -28.68 17.74 22.90
CA ARG A 324 -30.09 17.41 23.10
C ARG A 324 -31.03 18.43 22.48
N GLY A 325 -30.58 19.67 22.29
CA GLY A 325 -31.44 20.67 21.70
C GLY A 325 -31.75 20.41 20.23
N ILE A 326 -30.87 19.68 19.55
CA ILE A 326 -31.06 19.38 18.13
C ILE A 326 -32.21 18.39 18.00
N GLY A 327 -33.33 18.84 17.42
CA GLY A 327 -34.49 17.99 17.32
C GLY A 327 -34.48 17.04 16.15
N ASP A 328 -33.77 17.39 15.08
CA ASP A 328 -33.69 16.50 13.92
C ASP A 328 -32.76 15.34 14.24
N PRO A 329 -33.21 14.10 14.14
CA PRO A 329 -32.35 12.98 14.55
C PRO A 329 -31.06 12.89 13.76
N LEU A 330 -31.08 13.12 12.45
CA LEU A 330 -29.88 12.98 11.65
C LEU A 330 -28.84 14.03 12.02
N VAL A 331 -29.28 15.28 12.17
CA VAL A 331 -28.37 16.35 12.56
C VAL A 331 -27.77 16.08 13.93
N SER A 332 -28.60 15.63 14.88
CA SER A 332 -28.11 15.33 16.22
C SER A 332 -27.11 14.20 16.20
N VAL A 333 -27.36 13.16 15.40
CA VAL A 333 -26.45 12.01 15.37
C VAL A 333 -25.11 12.42 14.78
N TYR A 334 -25.12 13.21 13.70
CA TYR A 334 -23.85 13.63 13.12
C TYR A 334 -23.13 14.64 14.02
N ALA A 335 -23.87 15.46 14.76
CA ALA A 335 -23.25 16.32 15.75
C ALA A 335 -22.56 15.51 16.84
N ARG A 336 -23.22 14.44 17.30
CA ARG A 336 -22.60 13.57 18.28
C ARG A 336 -21.34 12.92 17.71
N ALA A 337 -21.38 12.52 16.44
CA ALA A 337 -20.20 11.93 15.81
C ALA A 337 -19.04 12.93 15.77
N TYR A 338 -19.32 14.18 15.40
CA TYR A 338 -18.27 15.19 15.40
C TYR A 338 -17.73 15.44 16.80
N LEU A 339 -18.61 15.49 17.79
CA LEU A 339 -18.15 15.70 19.15
C LEU A 339 -17.25 14.56 19.62
N CYS A 340 -17.61 13.33 19.28
CA CYS A 340 -16.78 12.19 19.64
C CYS A 340 -15.43 12.26 18.93
N ARG A 341 -15.42 12.67 17.66
CA ARG A 341 -14.16 12.79 16.93
C ARG A 341 -13.25 13.83 17.57
N VAL A 342 -13.81 14.99 17.90
CA VAL A 342 -13.02 16.04 18.54
C VAL A 342 -12.51 15.57 19.90
N GLY A 343 -13.36 14.88 20.67
CA GLY A 343 -12.93 14.37 21.96
C GLY A 343 -11.78 13.39 21.85
N MET A 344 -11.84 12.51 20.84
CA MET A 344 -10.78 11.54 20.67
C MET A 344 -9.50 12.12 20.09
N GLU A 345 -9.59 13.20 19.31
CA GLU A 345 -8.39 13.85 18.82
C GLU A 345 -7.90 14.96 19.74
N VAL A 346 -8.58 15.19 20.86
CA VAL A 346 -8.16 16.21 21.82
C VAL A 346 -7.86 15.58 23.17
N ALA A 347 -8.86 14.94 23.76
CA ALA A 347 -8.75 14.35 25.10
C ALA A 347 -9.26 12.91 25.08
N PRO A 348 -8.47 11.98 24.55
CA PRO A 348 -8.93 10.58 24.45
C PRO A 348 -8.98 9.84 25.78
N HIS A 349 -8.68 10.50 26.90
CA HIS A 349 -8.74 9.87 28.21
C HIS A 349 -9.99 10.27 28.99
N LEU A 350 -10.97 10.88 28.33
CA LEU A 350 -12.22 11.33 28.96
C LEU A 350 -13.40 10.48 28.50
N LYS A 351 -13.22 9.17 28.39
CA LYS A 351 -14.27 8.31 27.84
C LYS A 351 -15.53 8.32 28.70
N GLU A 352 -15.38 8.53 30.00
CA GLU A 352 -16.54 8.57 30.88
C GLU A 352 -17.49 9.68 30.48
N THR A 353 -16.97 10.81 30.02
CA THR A 353 -17.81 11.88 29.48
C THR A 353 -18.49 11.48 28.19
N LEU A 354 -17.77 10.82 27.28
CA LEU A 354 -18.31 10.50 25.96
C LEU A 354 -19.32 9.35 25.99
N ASN A 355 -19.33 8.53 27.03
CA ASN A 355 -20.37 7.52 27.15
C ASN A 355 -21.76 8.16 27.21
N LYS A 356 -21.84 9.39 27.74
CA LYS A 356 -23.10 10.10 27.78
C LYS A 356 -23.63 10.36 26.38
N ASN A 357 -22.74 10.47 25.39
CA ASN A 357 -23.20 10.60 24.01
C ASN A 357 -24.01 9.39 23.57
N PHE A 358 -23.48 8.18 23.82
CA PHE A 358 -24.20 6.98 23.45
C PHE A 358 -25.51 6.85 24.21
N PHE A 359 -25.50 7.17 25.50
CA PHE A 359 -26.73 7.03 26.28
C PHE A 359 -27.80 8.03 25.83
N ASP A 360 -27.42 9.29 25.62
CA ASP A 360 -28.39 10.28 25.13
C ASP A 360 -28.85 9.92 23.72
N PHE A 361 -27.96 9.34 22.92
CA PHE A 361 -28.36 8.90 21.58
C PHE A 361 -29.42 7.81 21.66
N LEU A 362 -29.27 6.87 22.60
CA LEU A 362 -30.31 5.87 22.78
C LEU A 362 -31.61 6.52 23.26
N LEU A 363 -31.50 7.57 24.07
CA LEU A 363 -32.69 8.29 24.49
C LEU A 363 -33.41 8.92 23.29
N THR A 364 -32.63 9.44 22.34
CA THR A 364 -33.18 10.12 21.17
C THR A 364 -33.59 9.16 20.05
N PHE A 365 -33.14 7.90 20.09
CA PHE A 365 -33.33 6.96 19.00
C PHE A 365 -34.79 6.75 18.62
N LYS A 366 -35.72 7.00 19.55
CA LYS A 366 -37.14 6.81 19.24
C LYS A 366 -37.60 7.74 18.12
N GLN A 367 -36.91 8.87 17.92
CA GLN A 367 -37.33 9.85 16.93
C GLN A 367 -37.05 9.43 15.50
N ILE A 368 -36.13 8.48 15.28
CA ILE A 368 -35.75 8.12 13.91
C ILE A 368 -36.95 7.58 13.15
N HIS A 369 -37.72 6.69 13.79
CA HIS A 369 -38.92 6.12 13.17
C HIS A 369 -40.19 6.84 13.59
N GLY A 370 -40.08 8.00 14.24
CA GLY A 370 -41.24 8.71 14.73
C GLY A 370 -42.06 9.36 13.64
N ASP A 371 -43.14 10.03 14.05
CA ASP A 371 -44.06 10.60 13.07
C ASP A 371 -43.46 11.80 12.35
N THR A 372 -42.74 12.66 13.08
CA THR A 372 -42.23 13.89 12.51
C THR A 372 -41.26 13.62 11.37
N VAL A 373 -40.34 12.68 11.58
CA VAL A 373 -39.37 12.36 10.53
C VAL A 373 -40.06 11.71 9.33
N GLN A 374 -41.08 10.89 9.58
CA GLN A 374 -41.83 10.30 8.49
C GLN A 374 -42.52 11.37 7.65
N ASN A 375 -43.14 12.36 8.31
CA ASN A 375 -43.75 13.46 7.56
C ASN A 375 -42.71 14.27 6.79
N GLN A 376 -41.54 14.50 7.39
CA GLN A 376 -40.48 15.22 6.70
C GLN A 376 -40.04 14.47 5.45
N LEU A 377 -39.86 13.15 5.56
CA LEU A 377 -39.49 12.35 4.40
C LEU A 377 -40.58 12.37 3.33
N VAL A 378 -41.85 12.31 3.75
CA VAL A 378 -42.95 12.37 2.80
C VAL A 378 -42.92 13.69 2.04
N VAL A 379 -42.70 14.79 2.76
CA VAL A 379 -42.61 16.10 2.11
C VAL A 379 -41.45 16.13 1.13
N GLN A 380 -40.31 15.57 1.52
CA GLN A 380 -39.18 15.49 0.59
C GLN A 380 -39.31 14.36 -0.41
N GLY A 381 -40.27 13.46 -0.22
CA GLY A 381 -40.45 12.36 -1.14
C GLY A 381 -39.30 11.36 -1.10
N VAL A 382 -38.86 11.02 0.10
CA VAL A 382 -37.76 10.08 0.31
C VAL A 382 -38.29 8.88 1.08
N GLU A 383 -38.07 7.69 0.55
CA GLU A 383 -38.51 6.47 1.22
C GLU A 383 -37.57 6.12 2.36
N LEU A 384 -38.13 5.46 3.38
CA LEU A 384 -37.35 5.10 4.55
C LEU A 384 -36.18 4.17 4.24
N PRO A 385 -36.31 3.15 3.36
CA PRO A 385 -35.15 2.31 3.02
C PRO A 385 -33.94 3.09 2.52
N SER A 386 -34.15 4.34 2.09
CA SER A 386 -33.06 5.19 1.65
C SER A 386 -32.66 6.23 2.69
N TYR A 387 -33.58 6.60 3.59
CA TYR A 387 -33.27 7.53 4.67
C TYR A 387 -32.42 6.86 5.75
N LEU A 388 -32.74 5.60 6.08
CA LEU A 388 -32.00 4.93 7.13
C LEU A 388 -30.51 4.74 6.84
N PRO A 389 -30.07 4.32 5.64
CA PRO A 389 -28.63 4.07 5.45
C PRO A 389 -27.76 5.30 5.54
N LEU A 390 -28.36 6.48 5.73
CA LEU A 390 -27.59 7.70 5.95
C LEU A 390 -27.06 7.79 7.38
N TYR A 391 -27.61 7.00 8.28
CA TYR A 391 -27.27 7.00 9.70
C TYR A 391 -26.01 6.21 10.06
N PRO A 392 -25.74 5.05 9.47
CA PRO A 392 -24.59 4.25 9.89
C PRO A 392 -23.27 5.01 9.85
N PRO A 393 -23.03 5.91 8.89
CA PRO A 393 -21.73 6.61 8.89
C PRO A 393 -21.43 7.35 10.18
N ALA A 394 -22.44 7.78 10.91
CA ALA A 394 -22.23 8.49 12.17
C ALA A 394 -22.29 7.57 13.39
N MET A 395 -23.23 6.62 13.41
CA MET A 395 -23.27 5.69 14.54
C MET A 395 -22.04 4.81 14.59
N ASP A 396 -21.51 4.41 13.44
CA ASP A 396 -20.30 3.62 13.45
C ASP A 396 -19.17 4.36 14.14
N TRP A 397 -19.01 5.65 13.82
CA TRP A 397 -17.99 6.45 14.47
C TRP A 397 -18.26 6.62 15.95
N ILE A 398 -19.51 6.90 16.33
CA ILE A 398 -19.86 7.09 17.74
C ILE A 398 -19.52 5.84 18.54
N PHE A 399 -20.00 4.69 18.06
CA PHE A 399 -19.78 3.43 18.76
C PHE A 399 -18.30 3.07 18.79
N GLN A 400 -17.57 3.31 17.70
CA GLN A 400 -16.15 2.99 17.66
C GLN A 400 -15.37 3.82 18.67
N CYS A 401 -15.67 5.11 18.74
CA CYS A 401 -14.99 5.96 19.73
C CYS A 401 -15.35 5.55 21.15
N ILE A 402 -16.63 5.26 21.40
CA ILE A 402 -17.06 4.96 22.75
C ILE A 402 -16.65 3.57 23.19
N SER A 403 -16.44 2.65 22.24
CA SER A 403 -16.06 1.27 22.55
C SER A 403 -14.58 1.00 22.38
N TYR A 404 -13.76 2.03 22.20
CA TYR A 404 -12.33 1.84 22.03
C TYR A 404 -11.69 1.51 23.36
N HIS A 405 -11.11 0.31 23.46
CA HIS A 405 -10.47 -0.18 24.68
C HIS A 405 -11.42 -0.20 25.87
N ALA A 406 -12.72 -0.22 25.62
CA ALA A 406 -13.69 -0.22 26.69
C ALA A 406 -13.68 -1.56 27.41
N PRO A 407 -13.96 -1.57 28.71
CA PRO A 407 -14.07 -2.84 29.43
C PRO A 407 -15.27 -3.64 28.94
N GLU A 408 -15.17 -4.96 29.09
CA GLU A 408 -16.23 -5.84 28.60
C GLU A 408 -17.55 -5.55 29.30
N ALA A 409 -17.52 -5.06 30.53
CA ALA A 409 -18.76 -4.71 31.23
C ALA A 409 -19.48 -3.56 30.52
N LEU A 410 -18.73 -2.54 30.08
CA LEU A 410 -19.36 -1.43 29.37
C LEU A 410 -19.95 -1.89 28.04
N LEU A 411 -19.23 -2.72 27.29
CA LEU A 411 -19.76 -3.23 26.03
C LEU A 411 -21.01 -4.05 26.27
N THR A 412 -21.01 -4.88 27.32
CA THR A 412 -22.20 -5.63 27.66
C THR A 412 -23.37 -4.70 27.93
N GLU A 413 -23.17 -3.72 28.82
CA GLU A 413 -24.24 -2.79 29.17
C GLU A 413 -24.79 -2.07 27.95
N MET A 414 -23.91 -1.65 27.04
CA MET A 414 -24.37 -1.08 25.77
C MET A 414 -25.21 -2.08 25.00
N MET A 415 -24.81 -3.36 25.00
CA MET A 415 -25.54 -4.36 24.23
C MET A 415 -26.95 -4.56 24.78
N GLU A 416 -27.10 -4.69 26.11
CA GLU A 416 -28.45 -4.86 26.64
C GLU A 416 -29.27 -3.58 26.55
N ARG A 417 -28.63 -2.41 26.58
CA ARG A 417 -29.41 -1.19 26.40
C ARG A 417 -29.88 -1.04 24.96
N CYS A 418 -29.10 -1.57 24.01
CA CYS A 418 -29.53 -1.58 22.62
C CYS A 418 -30.63 -2.62 22.39
N LYS A 419 -30.54 -3.76 23.08
CA LYS A 419 -31.51 -4.82 22.88
C LYS A 419 -32.91 -4.41 23.31
N LYS A 420 -33.01 -3.66 24.43
CA LYS A 420 -34.30 -3.39 25.04
C LYS A 420 -35.17 -2.43 24.24
N LEU A 421 -34.63 -1.81 23.20
CA LEU A 421 -35.38 -0.83 22.43
C LEU A 421 -36.31 -1.52 21.43
N GLY A 422 -36.80 -0.76 20.47
CA GLY A 422 -37.85 -1.15 19.54
C GLY A 422 -37.25 -1.60 18.22
N ASN A 423 -37.13 -0.68 17.27
CA ASN A 423 -36.71 -0.97 15.90
C ASN A 423 -35.20 -0.99 15.77
N ASN A 424 -34.53 -1.50 16.80
CA ASN A 424 -33.09 -1.38 16.99
C ASN A 424 -32.25 -2.07 15.92
N ALA A 425 -32.90 -2.57 14.86
CA ALA A 425 -32.20 -3.21 13.76
C ALA A 425 -31.02 -2.38 13.29
N LEU A 426 -31.20 -1.07 13.26
CA LEU A 426 -30.12 -0.18 12.85
C LEU A 426 -29.00 -0.15 13.89
N LEU A 427 -29.36 0.01 15.16
CA LEU A 427 -28.37 0.06 16.24
C LEU A 427 -27.46 -1.16 16.21
N LEU A 428 -28.05 -2.35 16.10
CA LEU A 428 -27.28 -3.58 16.09
C LEU A 428 -26.16 -3.52 15.08
N ASN A 429 -26.41 -2.93 13.91
CA ASN A 429 -25.39 -2.83 12.88
C ASN A 429 -24.13 -2.17 13.43
N SER A 430 -24.30 -0.99 14.05
CA SER A 430 -23.16 -0.29 14.62
C SER A 430 -22.51 -1.13 15.72
N VAL A 431 -23.31 -1.87 16.47
CA VAL A 431 -22.78 -2.75 17.50
C VAL A 431 -21.83 -3.77 16.88
N MET A 432 -22.18 -4.32 15.72
CA MET A 432 -21.22 -5.17 15.02
C MET A 432 -20.11 -4.37 14.36
N SER A 433 -20.39 -3.14 13.94
CA SER A 433 -19.43 -2.41 13.12
C SER A 433 -18.30 -1.80 13.94
N ALA A 434 -18.47 -1.69 15.26
CA ALA A 434 -17.51 -0.99 16.10
C ALA A 434 -16.87 -1.88 17.16
N PHE A 435 -17.69 -2.70 17.83
CA PHE A 435 -17.20 -3.52 18.93
C PHE A 435 -16.10 -4.46 18.45
N ARG A 436 -15.26 -4.92 19.38
CA ARG A 436 -14.18 -5.83 19.01
C ARG A 436 -14.73 -7.12 18.45
N ALA A 437 -13.96 -7.76 17.57
CA ALA A 437 -14.42 -8.97 16.91
C ALA A 437 -14.68 -10.08 17.91
N GLU A 438 -13.86 -10.15 18.98
CA GLU A 438 -14.01 -11.22 19.96
C GLU A 438 -15.37 -11.15 20.65
N PHE A 439 -15.78 -9.93 21.02
CA PHE A 439 -17.05 -9.77 21.73
C PHE A 439 -18.22 -10.24 20.89
N ILE A 440 -18.28 -9.82 19.64
CA ILE A 440 -19.40 -10.22 18.78
C ILE A 440 -19.31 -11.71 18.45
N ALA A 441 -18.10 -12.23 18.25
CA ALA A 441 -17.95 -13.64 17.92
C ALA A 441 -18.45 -14.54 19.04
N THR A 442 -18.10 -14.20 20.29
CA THR A 442 -18.58 -14.99 21.41
C THR A 442 -20.09 -14.90 21.56
N ARG A 443 -20.65 -13.71 21.36
CA ARG A 443 -22.09 -13.48 21.47
C ARG A 443 -22.82 -13.62 20.15
N SER A 444 -22.25 -14.37 19.19
CA SER A 444 -22.78 -14.37 17.84
C SER A 444 -24.18 -14.98 17.76
N MET A 445 -24.44 -16.02 18.55
CA MET A 445 -25.77 -16.64 18.53
C MET A 445 -26.82 -15.66 19.04
N ASP A 446 -26.50 -14.91 20.09
CA ASP A 446 -27.43 -13.91 20.59
C ASP A 446 -27.68 -12.84 19.54
N PHE A 447 -26.65 -12.48 18.77
CA PHE A 447 -26.83 -11.50 17.71
C PHE A 447 -27.70 -12.05 16.58
N ILE A 448 -27.55 -13.34 16.27
CA ILE A 448 -28.46 -13.99 15.33
C ILE A 448 -29.90 -13.87 15.83
N GLY A 449 -30.11 -14.17 17.11
CA GLY A 449 -31.43 -14.04 17.68
C GLY A 449 -31.99 -12.63 17.54
N MET A 450 -31.17 -11.64 17.87
CA MET A 450 -31.60 -10.25 17.76
C MET A 450 -31.93 -9.88 16.32
N ILE A 451 -31.12 -10.35 15.36
CA ILE A 451 -31.36 -10.06 13.95
C ILE A 451 -32.69 -10.66 13.51
N LYS A 452 -33.04 -11.82 14.05
CA LYS A 452 -34.21 -12.54 13.55
C LYS A 452 -35.51 -11.74 13.74
N GLU A 453 -35.70 -11.09 14.89
CA GLU A 453 -36.96 -10.39 15.12
C GLU A 453 -36.98 -8.96 14.58
N CYS A 454 -35.93 -8.54 13.87
CA CYS A 454 -35.91 -7.18 13.32
C CYS A 454 -37.01 -7.01 12.27
N ASP A 455 -37.58 -5.81 12.23
CA ASP A 455 -38.64 -5.53 11.27
C ASP A 455 -38.09 -5.53 9.84
N GLU A 456 -38.87 -6.11 8.93
CA GLU A 456 -38.40 -6.24 7.55
C GLU A 456 -38.47 -4.92 6.80
N SER A 457 -39.50 -4.11 7.06
CA SER A 457 -39.69 -2.87 6.32
C SER A 457 -38.64 -1.82 6.64
N GLY A 458 -37.87 -2.00 7.71
CA GLY A 458 -36.87 -1.03 8.10
C GLY A 458 -35.51 -1.27 7.48
N PHE A 459 -34.48 -1.22 8.31
CA PHE A 459 -33.12 -1.44 7.83
C PHE A 459 -32.97 -2.87 7.32
N PRO A 460 -32.27 -3.06 6.20
CA PRO A 460 -32.15 -4.42 5.65
C PRO A 460 -31.46 -5.38 6.60
N LYS A 461 -31.93 -6.63 6.60
CA LYS A 461 -31.35 -7.66 7.45
C LYS A 461 -30.02 -8.17 6.89
N HIS A 462 -29.89 -8.19 5.56
CA HIS A 462 -28.67 -8.71 4.96
C HIS A 462 -27.46 -7.85 5.31
N LEU A 463 -27.66 -6.55 5.52
CA LEU A 463 -26.55 -5.71 5.97
C LEU A 463 -26.09 -6.12 7.36
N LEU A 464 -27.03 -6.40 8.26
CA LEU A 464 -26.67 -6.87 9.59
C LEU A 464 -25.93 -8.20 9.51
N PHE A 465 -26.39 -9.11 8.64
CA PHE A 465 -25.70 -10.38 8.48
C PHE A 465 -24.30 -10.19 7.90
N ARG A 466 -24.13 -9.24 6.99
CA ARG A 466 -22.81 -8.95 6.46
C ARG A 466 -21.88 -8.45 7.55
N SER A 467 -22.37 -7.55 8.40
CA SER A 467 -21.56 -7.04 9.50
C SER A 467 -21.17 -8.17 10.46
N LEU A 468 -22.13 -9.03 10.78
CA LEU A 468 -21.84 -10.15 11.68
C LEU A 468 -20.81 -11.09 11.06
N GLY A 469 -20.95 -11.38 9.77
CA GLY A 469 -19.97 -12.23 9.10
C GLY A 469 -18.59 -11.61 9.08
N LEU A 470 -18.52 -10.29 8.88
CA LEU A 470 -17.24 -9.61 8.93
C LEU A 470 -16.60 -9.74 10.30
N ASN A 471 -17.43 -9.70 11.35
CA ASN A 471 -16.91 -9.92 12.70
C ASN A 471 -16.39 -11.35 12.86
N LEU A 472 -17.16 -12.33 12.38
CA LEU A 472 -16.75 -13.74 12.51
C LEU A 472 -15.59 -14.10 11.60
N ALA A 473 -15.19 -13.23 10.67
CA ALA A 473 -14.01 -13.49 9.87
C ALA A 473 -12.72 -13.13 10.59
N LEU A 474 -12.81 -12.42 11.72
CA LEU A 474 -11.63 -12.02 12.48
C LEU A 474 -11.49 -12.81 13.79
N ALA A 475 -12.59 -13.12 14.46
CA ALA A 475 -12.57 -13.85 15.71
C ALA A 475 -13.49 -15.06 15.61
N ASP A 476 -13.02 -16.20 16.11
CA ASP A 476 -13.77 -17.43 15.99
C ASP A 476 -14.93 -17.46 17.00
N PRO A 477 -16.05 -18.07 16.63
CA PRO A 477 -17.15 -18.24 17.57
C PRO A 477 -16.94 -19.48 18.41
N PRO A 478 -17.76 -19.69 19.46
CA PRO A 478 -17.62 -20.89 20.27
C PRO A 478 -17.83 -22.16 19.45
N GLU A 479 -17.11 -23.22 19.83
CA GLU A 479 -17.09 -24.45 19.05
C GLU A 479 -18.49 -25.07 18.95
N SER A 480 -19.24 -25.05 20.05
CA SER A 480 -20.54 -25.72 20.07
C SER A 480 -21.57 -25.03 19.20
N ASP A 481 -21.33 -23.79 18.79
CA ASP A 481 -22.34 -22.99 18.11
C ASP A 481 -22.09 -22.80 16.63
N ARG A 482 -20.95 -23.25 16.12
CA ARG A 482 -20.55 -22.89 14.75
C ARG A 482 -21.51 -23.44 13.71
N LEU A 483 -21.91 -24.71 13.87
CA LEU A 483 -22.81 -25.32 12.90
C LEU A 483 -24.15 -24.61 12.89
N GLN A 484 -24.68 -24.29 14.07
CA GLN A 484 -25.94 -23.57 14.15
C GLN A 484 -25.84 -22.19 13.53
N ILE A 485 -24.73 -21.49 13.77
CA ILE A 485 -24.54 -20.15 13.21
C ILE A 485 -24.54 -20.23 11.69
N LEU A 486 -23.78 -21.18 11.13
CA LEU A 486 -23.71 -21.29 9.68
C LEU A 486 -25.06 -21.65 9.09
N ASN A 487 -25.76 -22.61 9.71
CA ASN A 487 -27.06 -23.02 9.20
C ASN A 487 -28.04 -21.85 9.20
N GLU A 488 -28.12 -21.12 10.31
CA GLU A 488 -29.10 -20.06 10.42
C GLU A 488 -28.72 -18.84 9.58
N ALA A 489 -27.43 -18.61 9.36
CA ALA A 489 -27.02 -17.55 8.45
C ALA A 489 -27.39 -17.88 7.01
N TRP A 490 -27.16 -19.13 6.59
CA TRP A 490 -27.45 -19.47 5.20
C TRP A 490 -28.95 -19.61 4.95
N LYS A 491 -29.73 -20.04 5.94
CA LYS A 491 -31.19 -20.07 5.74
C LYS A 491 -31.74 -18.70 5.42
N VAL A 492 -31.12 -17.64 5.92
CA VAL A 492 -31.58 -16.29 5.62
C VAL A 492 -30.94 -15.75 4.36
N ILE A 493 -29.65 -16.05 4.14
CA ILE A 493 -28.97 -15.54 2.96
C ILE A 493 -29.57 -16.12 1.68
N THR A 494 -29.89 -17.41 1.68
CA THR A 494 -30.38 -18.05 0.46
C THR A 494 -31.77 -17.57 0.06
N LYS A 495 -32.49 -16.87 0.94
CA LYS A 495 -33.83 -16.40 0.62
C LYS A 495 -33.83 -15.00 0.02
N LEU A 496 -32.67 -14.38 -0.14
CA LEU A 496 -32.60 -13.07 -0.75
C LEU A 496 -32.91 -13.15 -2.25
N LYS A 497 -33.57 -12.13 -2.76
CA LYS A 497 -33.95 -12.08 -4.17
C LYS A 497 -32.96 -11.26 -5.00
N ASN A 498 -32.52 -10.12 -4.50
CA ASN A 498 -31.56 -9.29 -5.21
C ASN A 498 -30.22 -10.01 -5.27
N PRO A 499 -29.63 -10.19 -6.45
CA PRO A 499 -28.30 -10.82 -6.51
C PRO A 499 -27.19 -10.00 -5.86
N GLN A 500 -27.26 -8.67 -5.92
CA GLN A 500 -26.13 -7.86 -5.49
C GLN A 500 -25.89 -7.96 -3.98
N ASP A 501 -26.93 -7.75 -3.17
CA ASP A 501 -26.75 -7.87 -1.74
C ASP A 501 -26.50 -9.32 -1.35
N TYR A 502 -27.02 -10.27 -2.13
CA TYR A 502 -26.73 -11.67 -1.88
C TYR A 502 -25.23 -11.94 -2.00
N ILE A 503 -24.60 -11.40 -3.04
CA ILE A 503 -23.16 -11.62 -3.17
C ILE A 503 -22.43 -10.83 -2.10
N ASN A 504 -22.96 -9.68 -1.69
CA ASN A 504 -22.32 -8.92 -0.62
C ASN A 504 -22.27 -9.73 0.67
N CYS A 505 -23.33 -10.49 0.95
CA CYS A 505 -23.33 -11.37 2.11
C CYS A 505 -22.46 -12.61 1.90
N ALA A 506 -22.56 -13.22 0.71
CA ALA A 506 -21.90 -14.50 0.47
C ALA A 506 -20.39 -14.35 0.42
N GLU A 507 -19.90 -13.24 -0.15
CA GLU A 507 -18.47 -12.99 -0.15
C GLU A 507 -17.91 -13.02 1.27
N VAL A 508 -18.64 -12.41 2.20
CA VAL A 508 -18.19 -12.38 3.58
C VAL A 508 -18.30 -13.74 4.24
N TRP A 509 -19.40 -14.46 4.00
CA TRP A 509 -19.63 -15.70 4.74
C TRP A 509 -18.89 -16.91 4.15
N VAL A 510 -18.41 -16.82 2.91
CA VAL A 510 -17.60 -17.91 2.37
C VAL A 510 -16.31 -18.05 3.15
N GLU A 511 -15.75 -16.93 3.61
CA GLU A 511 -14.58 -16.97 4.47
C GLU A 511 -14.83 -17.82 5.71
N TYR A 512 -15.97 -17.58 6.36
CA TYR A 512 -16.32 -18.35 7.55
C TYR A 512 -16.50 -19.83 7.22
N THR A 513 -17.26 -20.12 6.16
CA THR A 513 -17.55 -21.51 5.83
C THR A 513 -16.28 -22.28 5.49
N CYS A 514 -15.35 -21.63 4.78
CA CYS A 514 -14.10 -22.28 4.43
C CYS A 514 -13.14 -22.38 5.60
N LYS A 515 -13.19 -21.41 6.52
CA LYS A 515 -12.25 -21.43 7.65
C LYS A 515 -12.64 -22.48 8.67
N HIS A 516 -13.93 -22.63 8.96
CA HIS A 516 -14.32 -23.51 10.05
C HIS A 516 -14.73 -24.90 9.62
N PHE A 517 -15.38 -25.05 8.48
CA PHE A 517 -16.02 -26.32 8.12
C PHE A 517 -15.32 -26.95 6.91
N THR A 518 -15.80 -28.13 6.53
CA THR A 518 -15.12 -29.00 5.59
C THR A 518 -15.52 -28.68 4.15
N LYS A 519 -15.16 -29.56 3.23
CA LYS A 519 -15.39 -29.31 1.81
C LYS A 519 -16.85 -29.47 1.43
N ARG A 520 -17.63 -30.23 2.20
CA ARG A 520 -19.04 -30.42 1.87
C ARG A 520 -19.82 -29.12 1.99
N GLU A 521 -19.58 -28.37 3.07
CA GLU A 521 -20.27 -27.10 3.25
C GLU A 521 -19.82 -26.08 2.23
N VAL A 522 -18.53 -26.10 1.86
CA VAL A 522 -18.04 -25.21 0.81
C VAL A 522 -18.71 -25.53 -0.51
N ASN A 523 -18.87 -26.81 -0.81
CA ASN A 523 -19.57 -27.22 -2.01
C ASN A 523 -21.01 -26.73 -2.01
N THR A 524 -21.69 -26.87 -0.86
CA THR A 524 -23.07 -26.42 -0.78
C THR A 524 -23.18 -24.91 -0.98
N VAL A 525 -22.26 -24.15 -0.37
CA VAL A 525 -22.28 -22.69 -0.51
C VAL A 525 -22.03 -22.29 -1.96
N LEU A 526 -21.05 -22.92 -2.61
CA LEU A 526 -20.77 -22.58 -4.01
C LEU A 526 -21.94 -22.93 -4.90
N ALA A 527 -22.59 -24.08 -4.66
CA ALA A 527 -23.78 -24.44 -5.43
C ALA A 527 -24.88 -23.42 -5.23
N ASP A 528 -25.07 -22.94 -4.00
CA ASP A 528 -26.09 -21.93 -3.73
C ASP A 528 -25.78 -20.64 -4.48
N VAL A 529 -24.51 -20.23 -4.49
CA VAL A 529 -24.12 -19.01 -5.18
C VAL A 529 -24.40 -19.13 -6.67
N ILE A 530 -24.02 -20.27 -7.26
CA ILE A 530 -24.27 -20.50 -8.68
C ILE A 530 -25.77 -20.48 -8.97
N LYS A 531 -26.56 -21.12 -8.11
CA LYS A 531 -28.00 -21.15 -8.30
C LYS A 531 -28.59 -19.75 -8.29
N HIS A 532 -28.11 -18.89 -7.38
CA HIS A 532 -28.65 -17.54 -7.31
C HIS A 532 -28.23 -16.70 -8.52
N MET A 533 -26.97 -16.79 -8.93
CA MET A 533 -26.51 -15.86 -9.97
C MET A 533 -26.74 -16.32 -11.40
N THR A 534 -26.91 -17.62 -11.65
CA THR A 534 -27.09 -18.06 -13.03
C THR A 534 -28.31 -17.44 -13.72
N PRO A 535 -29.51 -17.36 -13.09
CA PRO A 535 -30.72 -17.00 -13.85
C PRO A 535 -30.66 -15.76 -14.74
N ASP A 536 -30.41 -14.59 -14.17
CA ASP A 536 -30.69 -13.33 -14.84
C ASP A 536 -29.43 -12.62 -15.30
N ARG A 537 -28.38 -13.38 -15.63
CA ARG A 537 -27.11 -12.82 -16.10
C ARG A 537 -26.56 -11.80 -15.09
N ALA A 538 -26.71 -12.12 -13.81
CA ALA A 538 -26.24 -11.22 -12.76
C ALA A 538 -24.72 -11.18 -12.65
N PHE A 539 -24.02 -12.09 -13.34
CA PHE A 539 -22.57 -12.15 -13.25
C PHE A 539 -21.93 -10.80 -13.49
N GLU A 540 -22.42 -10.06 -14.49
CA GLU A 540 -21.78 -8.81 -14.88
C GLU A 540 -21.77 -7.81 -13.75
N ASP A 541 -22.71 -7.91 -12.81
CA ASP A 541 -22.78 -6.97 -11.70
C ASP A 541 -21.91 -7.39 -10.52
N SER A 542 -21.30 -8.58 -10.57
CA SER A 542 -20.53 -9.09 -9.44
C SER A 542 -19.26 -9.82 -9.88
N TYR A 543 -18.67 -9.43 -11.00
CA TYR A 543 -17.33 -9.94 -11.33
C TYR A 543 -16.31 -9.74 -10.23
N PRO A 544 -16.16 -8.56 -9.62
CA PRO A 544 -15.15 -8.44 -8.55
C PRO A 544 -15.45 -9.33 -7.35
N GLN A 545 -16.65 -9.20 -6.78
CA GLN A 545 -16.99 -9.95 -5.58
C GLN A 545 -16.80 -11.45 -5.78
N LEU A 546 -17.29 -11.98 -6.90
CA LEU A 546 -17.14 -13.40 -7.17
C LEU A 546 -15.66 -13.81 -7.15
N GLN A 547 -14.81 -12.98 -7.78
CA GLN A 547 -13.38 -13.24 -7.72
C GLN A 547 -12.93 -13.40 -6.27
N LEU A 548 -13.32 -12.46 -5.42
CA LEU A 548 -12.98 -12.55 -4.01
C LEU A 548 -13.37 -13.92 -3.46
N ILE A 549 -14.62 -14.33 -3.73
CA ILE A 549 -15.10 -15.61 -3.22
C ILE A 549 -14.17 -16.72 -3.66
N ILE A 550 -13.85 -16.76 -4.95
CA ILE A 550 -13.07 -17.89 -5.45
C ILE A 550 -11.70 -17.87 -4.79
N LYS A 551 -11.14 -16.67 -4.61
CA LYS A 551 -9.85 -16.55 -3.94
C LYS A 551 -9.92 -17.18 -2.56
N LYS A 552 -10.97 -16.86 -1.81
CA LYS A 552 -11.11 -17.40 -0.47
C LYS A 552 -11.21 -18.92 -0.52
N VAL A 553 -11.94 -19.45 -1.49
CA VAL A 553 -12.08 -20.91 -1.57
C VAL A 553 -10.73 -21.53 -1.82
N ILE A 554 -9.85 -20.84 -2.55
CA ILE A 554 -8.52 -21.36 -2.79
C ILE A 554 -7.60 -21.06 -1.62
N ALA A 555 -7.89 -20.02 -0.83
CA ALA A 555 -6.99 -19.64 0.24
C ALA A 555 -7.00 -20.65 1.38
N HIS A 556 -8.15 -21.28 1.62
CA HIS A 556 -8.29 -22.22 2.73
C HIS A 556 -8.21 -23.68 2.29
N PHE A 557 -8.03 -23.94 1.00
CA PHE A 557 -7.94 -25.30 0.50
C PHE A 557 -6.62 -25.43 -0.25
N HIS A 558 -5.56 -25.80 0.49
CA HIS A 558 -4.22 -25.86 -0.07
C HIS A 558 -4.05 -27.11 -0.93
N ASP A 559 -4.34 -28.28 -0.36
CA ASP A 559 -4.18 -29.54 -1.07
C ASP A 559 -5.18 -29.60 -2.22
N PHE A 560 -4.67 -29.78 -3.43
CA PHE A 560 -5.51 -29.72 -4.62
C PHE A 560 -6.18 -31.04 -4.97
N SER A 561 -5.89 -32.12 -4.23
CA SER A 561 -6.72 -33.30 -4.35
C SER A 561 -8.06 -33.11 -3.66
N VAL A 562 -8.18 -32.10 -2.80
CA VAL A 562 -9.40 -31.83 -2.07
C VAL A 562 -10.18 -30.68 -2.70
N LEU A 563 -9.49 -29.63 -3.16
CA LEU A 563 -10.17 -28.49 -3.74
C LEU A 563 -10.96 -28.88 -4.98
N PHE A 564 -10.37 -29.71 -5.84
CA PHE A 564 -11.08 -30.14 -7.03
C PHE A 564 -11.97 -31.35 -6.77
N SER A 565 -11.96 -31.90 -5.56
CA SER A 565 -13.02 -32.82 -5.16
C SER A 565 -14.32 -32.09 -4.90
N VAL A 566 -14.27 -30.77 -4.69
CA VAL A 566 -15.48 -29.97 -4.61
C VAL A 566 -16.19 -30.03 -5.95
N GLU A 567 -17.41 -30.54 -5.96
CA GLU A 567 -18.07 -30.87 -7.21
C GLU A 567 -18.37 -29.62 -8.04
N LYS A 568 -18.79 -28.54 -7.38
CA LYS A 568 -19.24 -27.34 -8.07
C LYS A 568 -18.14 -26.31 -8.25
N PHE A 569 -16.88 -26.68 -8.01
CA PHE A 569 -15.78 -25.72 -8.17
C PHE A 569 -15.61 -25.33 -9.63
N LEU A 570 -15.51 -26.32 -10.51
CA LEU A 570 -15.39 -26.02 -11.94
C LEU A 570 -16.61 -25.33 -12.52
N PRO A 571 -17.85 -25.71 -12.20
CA PRO A 571 -18.99 -24.90 -12.66
C PRO A 571 -18.92 -23.46 -12.18
N PHE A 572 -18.31 -23.22 -11.02
CA PHE A 572 -18.11 -21.85 -10.56
C PHE A 572 -17.13 -21.10 -11.46
N LEU A 573 -16.09 -21.77 -11.93
CA LEU A 573 -15.21 -21.15 -12.92
C LEU A 573 -15.95 -20.90 -14.22
N ASP A 574 -16.85 -21.81 -14.60
CA ASP A 574 -17.66 -21.60 -15.79
C ASP A 574 -18.52 -20.35 -15.69
N MET A 575 -18.76 -19.86 -14.47
CA MET A 575 -19.56 -18.65 -14.31
C MET A 575 -18.89 -17.45 -14.94
N PHE A 576 -17.57 -17.32 -14.78
CA PHE A 576 -16.87 -16.18 -15.35
C PHE A 576 -16.76 -16.33 -16.86
N GLN A 577 -17.80 -15.94 -17.58
CA GLN A 577 -17.82 -16.06 -19.03
C GLN A 577 -17.18 -14.87 -19.73
N LYS A 578 -16.83 -13.81 -19.01
CA LYS A 578 -16.03 -12.75 -19.60
C LYS A 578 -14.59 -13.22 -19.74
N GLU A 579 -13.89 -12.62 -20.70
CA GLU A 579 -12.53 -13.04 -21.02
C GLU A 579 -11.50 -12.47 -20.05
N SER A 580 -11.52 -11.15 -19.83
CA SER A 580 -10.54 -10.54 -18.95
C SER A 580 -10.71 -10.99 -17.51
N VAL A 581 -11.95 -11.12 -17.05
CA VAL A 581 -12.21 -11.52 -15.67
C VAL A 581 -11.77 -12.96 -15.44
N ARG A 582 -12.10 -13.85 -16.39
CA ARG A 582 -11.81 -15.27 -16.20
C ARG A 582 -10.31 -15.53 -16.11
N VAL A 583 -9.52 -14.85 -16.94
CA VAL A 583 -8.10 -15.16 -17.01
C VAL A 583 -7.40 -14.80 -15.70
N GLU A 584 -7.87 -13.75 -15.02
CA GLU A 584 -7.26 -13.38 -13.74
C GLU A 584 -7.48 -14.46 -12.68
N VAL A 585 -8.69 -15.03 -12.65
CA VAL A 585 -8.97 -16.11 -11.72
C VAL A 585 -8.09 -17.32 -12.02
N CYS A 586 -7.85 -17.58 -13.30
CA CYS A 586 -6.97 -18.66 -13.69
C CYS A 586 -5.54 -18.42 -13.20
N LYS A 587 -5.07 -17.18 -13.31
CA LYS A 587 -3.74 -16.86 -12.78
C LYS A 587 -3.68 -17.04 -11.28
N CYS A 588 -4.77 -16.68 -10.57
CA CYS A 588 -4.80 -16.90 -9.13
C CYS A 588 -4.72 -18.38 -8.80
N ILE A 589 -5.51 -19.19 -9.51
CA ILE A 589 -5.48 -20.63 -9.31
C ILE A 589 -4.08 -21.18 -9.54
N MET A 590 -3.43 -20.72 -10.60
CA MET A 590 -2.13 -21.27 -10.96
C MET A 590 -1.05 -20.83 -10.00
N ASP A 591 -1.11 -19.58 -9.54
CA ASP A 591 -0.18 -19.14 -8.50
C ASP A 591 -0.35 -19.97 -7.24
N ALA A 592 -1.60 -20.23 -6.85
CA ALA A 592 -1.84 -21.06 -5.68
C ALA A 592 -1.30 -22.47 -5.89
N PHE A 593 -1.45 -23.02 -7.09
CA PHE A 593 -0.94 -24.35 -7.34
C PHE A 593 0.58 -24.40 -7.28
N ILE A 594 1.25 -23.43 -7.91
CA ILE A 594 2.71 -23.47 -7.94
C ILE A 594 3.29 -23.17 -6.57
N LYS A 595 2.55 -22.47 -5.71
CA LYS A 595 3.13 -22.12 -4.41
C LYS A 595 2.62 -23.02 -3.28
N HIS A 596 1.62 -23.87 -3.55
CA HIS A 596 1.13 -24.89 -2.63
C HIS A 596 1.16 -26.29 -3.23
N GLN A 597 2.23 -26.66 -3.92
CA GLN A 597 2.39 -28.02 -4.42
C GLN A 597 3.89 -28.29 -4.52
N GLN A 598 4.42 -28.97 -3.50
CA GLN A 598 5.85 -29.25 -3.42
C GLN A 598 6.22 -30.64 -3.91
N GLU A 599 5.25 -31.45 -4.31
CA GLU A 599 5.52 -32.78 -4.83
C GLU A 599 4.68 -33.02 -6.07
N PRO A 600 5.22 -33.77 -7.04
CA PRO A 600 4.43 -34.10 -8.23
C PRO A 600 3.19 -34.91 -7.86
N THR A 601 2.09 -34.56 -8.51
CA THR A 601 0.81 -35.19 -8.27
C THR A 601 0.35 -35.89 -9.54
N LYS A 602 -0.59 -36.82 -9.38
CA LYS A 602 -1.08 -37.54 -10.54
C LYS A 602 -2.59 -37.76 -10.55
N ASP A 603 -3.28 -37.54 -9.43
CA ASP A 603 -4.74 -37.69 -9.35
C ASP A 603 -5.38 -37.11 -10.59
N PRO A 604 -6.00 -37.94 -11.44
CA PRO A 604 -6.50 -37.43 -12.73
C PRO A 604 -7.50 -36.31 -12.59
N VAL A 605 -8.17 -36.20 -11.44
CA VAL A 605 -9.05 -35.06 -11.20
C VAL A 605 -8.25 -33.77 -11.24
N ILE A 606 -7.05 -33.78 -10.66
CA ILE A 606 -6.21 -32.58 -10.66
C ILE A 606 -5.80 -32.23 -12.09
N LEU A 607 -5.32 -33.22 -12.85
CA LEU A 607 -4.79 -32.93 -14.17
C LEU A 607 -5.86 -32.33 -15.08
N ASN A 608 -7.05 -32.94 -15.11
CA ASN A 608 -8.09 -32.46 -16.00
C ASN A 608 -8.52 -31.03 -15.66
N ALA A 609 -8.64 -30.74 -14.36
CA ALA A 609 -9.06 -29.41 -13.95
C ALA A 609 -8.01 -28.36 -14.30
N LEU A 610 -6.75 -28.62 -13.97
CA LEU A 610 -5.70 -27.68 -14.35
C LEU A 610 -5.52 -27.64 -15.86
N LEU A 611 -5.79 -28.74 -16.57
CA LEU A 611 -5.75 -28.69 -18.03
C LEU A 611 -6.81 -27.73 -18.56
N HIS A 612 -8.02 -27.78 -18.00
CA HIS A 612 -9.07 -26.87 -18.43
C HIS A 612 -8.71 -25.43 -18.09
N VAL A 613 -8.15 -25.19 -16.91
CA VAL A 613 -7.77 -23.85 -16.51
C VAL A 613 -6.67 -23.32 -17.43
N CYS A 614 -5.68 -24.16 -17.74
CA CYS A 614 -4.61 -23.74 -18.64
C CYS A 614 -5.13 -23.48 -20.05
N LYS A 615 -6.07 -24.30 -20.54
CA LYS A 615 -6.72 -24.00 -21.81
C LYS A 615 -7.39 -22.63 -21.79
N THR A 616 -8.22 -22.38 -20.78
CA THR A 616 -8.99 -21.14 -20.79
C THR A 616 -8.12 -19.94 -20.47
N MET A 617 -6.90 -20.17 -19.98
CA MET A 617 -5.98 -19.07 -19.76
C MET A 617 -5.08 -18.84 -20.98
N HIS A 618 -4.79 -19.90 -21.74
CA HIS A 618 -3.96 -19.81 -22.92
C HIS A 618 -4.73 -19.36 -24.15
N ASP A 619 -6.05 -19.55 -24.16
CA ASP A 619 -6.85 -19.08 -25.29
C ASP A 619 -6.97 -17.57 -25.35
N SER A 620 -6.52 -16.86 -24.31
CA SER A 620 -6.55 -15.41 -24.31
C SER A 620 -5.39 -14.80 -25.08
N VAL A 621 -4.44 -15.59 -25.53
CA VAL A 621 -3.27 -15.08 -26.25
C VAL A 621 -3.68 -14.78 -27.69
N ASN A 622 -3.45 -13.54 -28.12
CA ASN A 622 -3.76 -13.11 -29.48
C ASN A 622 -2.65 -12.20 -29.97
N ALA A 623 -2.86 -11.60 -31.14
CA ALA A 623 -1.86 -10.67 -31.67
C ALA A 623 -1.73 -9.43 -30.80
N LEU A 624 -2.80 -9.04 -30.12
CA LEU A 624 -2.77 -7.84 -29.29
C LEU A 624 -2.14 -8.08 -27.92
N THR A 625 -1.92 -9.33 -27.55
CA THR A 625 -1.39 -9.64 -26.22
C THR A 625 0.06 -9.17 -26.10
N LEU A 626 0.38 -8.53 -24.98
CA LEU A 626 1.71 -8.01 -24.74
C LEU A 626 2.68 -9.16 -24.45
N GLU A 627 3.97 -8.88 -24.66
CA GLU A 627 5.00 -9.88 -24.43
C GLU A 627 5.10 -10.27 -22.95
N ASP A 628 4.94 -9.29 -22.04
CA ASP A 628 5.02 -9.59 -20.62
C ASP A 628 3.89 -10.51 -20.18
N GLU A 629 2.69 -10.29 -20.73
CA GLU A 629 1.57 -11.18 -20.44
C GLU A 629 1.89 -12.60 -20.92
N LYS A 630 2.51 -12.72 -22.10
CA LYS A 630 2.90 -14.04 -22.59
C LYS A 630 3.92 -14.68 -21.66
N ARG A 631 4.86 -13.88 -21.13
CA ARG A 631 5.85 -14.43 -20.21
C ARG A 631 5.19 -14.94 -18.93
N MET A 632 4.26 -14.16 -18.37
CA MET A 632 3.57 -14.59 -17.16
C MET A 632 2.76 -15.86 -17.39
N LEU A 633 2.02 -15.90 -18.50
CA LEU A 633 1.24 -17.08 -18.82
C LEU A 633 2.15 -18.28 -19.02
N SER A 634 3.26 -18.11 -19.74
CA SER A 634 4.19 -19.21 -19.94
C SER A 634 4.72 -19.71 -18.62
N TYR A 635 5.00 -18.80 -17.69
CA TYR A 635 5.48 -19.20 -16.37
C TYR A 635 4.44 -20.05 -15.65
N LEU A 636 3.17 -19.64 -15.73
CA LEU A 636 2.12 -20.40 -15.05
C LEU A 636 1.92 -21.79 -15.64
N ILE A 637 1.75 -21.88 -16.97
CA ILE A 637 1.57 -23.20 -17.57
C ILE A 637 2.83 -24.06 -17.41
N ASN A 638 4.01 -23.43 -17.36
CA ASN A 638 5.21 -24.21 -17.08
C ASN A 638 5.20 -24.73 -15.66
N GLY A 639 4.70 -23.93 -14.72
CA GLY A 639 4.57 -24.41 -13.35
C GLY A 639 3.65 -25.60 -13.26
N PHE A 640 2.58 -25.60 -14.05
CA PHE A 640 1.70 -26.78 -14.09
C PHE A 640 2.44 -27.97 -14.70
N ILE A 641 3.08 -27.77 -15.85
CA ILE A 641 3.67 -28.87 -16.59
C ILE A 641 4.79 -29.53 -15.80
N LYS A 642 5.60 -28.73 -15.09
CA LYS A 642 6.71 -29.26 -14.32
C LYS A 642 6.25 -30.24 -13.25
N MET A 643 5.02 -30.11 -12.77
CA MET A 643 4.57 -30.86 -11.62
C MET A 643 3.80 -32.13 -11.98
N VAL A 644 3.72 -32.48 -13.26
CA VAL A 644 3.06 -33.71 -13.70
C VAL A 644 4.15 -34.73 -14.00
N SER A 645 4.23 -35.78 -13.18
CA SER A 645 5.23 -36.82 -13.33
C SER A 645 4.56 -38.19 -13.27
N PHE A 646 4.60 -38.91 -14.39
CA PHE A 646 3.87 -40.17 -14.53
C PHE A 646 4.63 -41.37 -13.98
N GLY A 647 5.61 -41.14 -13.11
CA GLY A 647 6.34 -42.27 -12.56
C GLY A 647 7.10 -43.02 -13.63
N ARG A 648 7.15 -44.35 -13.48
CA ARG A 648 7.86 -45.18 -14.43
C ARG A 648 7.12 -45.32 -15.76
N ASP A 649 5.86 -44.86 -15.84
CA ASP A 649 5.10 -44.93 -17.09
C ASP A 649 5.54 -43.80 -18.01
N PHE A 650 6.70 -44.03 -18.63
CA PHE A 650 7.29 -43.01 -19.50
C PHE A 650 6.41 -42.74 -20.71
N GLU A 651 5.78 -43.79 -21.26
CA GLU A 651 4.95 -43.61 -22.44
C GLU A 651 3.79 -42.68 -22.17
N GLN A 652 3.14 -42.82 -21.01
CA GLN A 652 2.02 -41.94 -20.71
C GLN A 652 2.49 -40.52 -20.43
N GLN A 653 3.71 -40.36 -19.93
CA GLN A 653 4.28 -39.02 -19.80
C GLN A 653 4.47 -38.38 -21.16
N LEU A 654 4.97 -39.15 -22.13
CA LEU A 654 5.08 -38.63 -23.48
C LEU A 654 3.71 -38.32 -24.06
N SER A 655 2.69 -39.09 -23.69
CA SER A 655 1.33 -38.79 -24.11
C SER A 655 0.89 -37.45 -23.55
N PHE A 656 1.20 -37.19 -22.27
CA PHE A 656 0.92 -35.88 -21.70
C PHE A 656 1.64 -34.79 -22.47
N TYR A 657 2.87 -35.06 -22.91
CA TYR A 657 3.63 -34.03 -23.60
C TYR A 657 3.07 -33.76 -24.99
N VAL A 658 2.59 -34.79 -25.69
CA VAL A 658 2.03 -34.56 -27.02
C VAL A 658 0.69 -33.83 -26.91
N GLU A 659 -0.15 -34.21 -25.94
CA GLU A 659 -1.39 -33.46 -25.76
C GLU A 659 -1.10 -32.04 -25.30
N SER A 660 0.03 -31.84 -24.60
CA SER A 660 0.42 -30.50 -24.20
C SER A 660 0.80 -29.65 -25.39
N ARG A 661 1.62 -30.18 -26.31
CA ARG A 661 2.01 -29.39 -27.47
C ARG A 661 0.79 -29.08 -28.33
N SER A 662 -0.13 -30.04 -28.44
CA SER A 662 -1.35 -29.77 -29.20
C SER A 662 -2.23 -28.74 -28.49
N MET A 663 -2.15 -28.69 -27.17
CA MET A 663 -2.97 -27.79 -26.37
C MET A 663 -2.37 -26.40 -26.21
N PHE A 664 -1.04 -26.28 -26.15
CA PHE A 664 -0.37 -25.04 -25.82
C PHE A 664 0.50 -24.52 -26.96
N CYS A 665 -0.04 -24.56 -28.19
CA CYS A 665 0.78 -24.29 -29.37
C CYS A 665 1.27 -22.85 -29.39
N ASN A 666 0.41 -21.91 -29.03
CA ASN A 666 0.68 -20.50 -29.31
C ASN A 666 1.87 -20.00 -28.48
N LEU A 667 1.88 -20.28 -27.18
CA LEU A 667 2.90 -19.73 -26.28
C LEU A 667 4.23 -20.44 -26.51
N GLU A 668 5.23 -19.70 -26.99
CA GLU A 668 6.53 -20.31 -27.30
C GLU A 668 7.27 -20.84 -26.08
N PRO A 669 7.41 -20.11 -24.97
CA PRO A 669 8.17 -20.67 -23.84
C PRO A 669 7.62 -21.98 -23.32
N VAL A 670 6.31 -22.19 -23.42
CA VAL A 670 5.75 -23.48 -23.06
C VAL A 670 6.30 -24.57 -23.97
N LEU A 671 6.42 -24.28 -25.27
CA LEU A 671 7.04 -25.23 -26.18
C LEU A 671 8.49 -25.49 -25.81
N VAL A 672 9.22 -24.43 -25.43
CA VAL A 672 10.62 -24.61 -25.07
C VAL A 672 10.75 -25.53 -23.86
N GLN A 673 9.92 -25.27 -22.84
CA GLN A 673 9.94 -26.12 -21.65
C GLN A 673 9.54 -27.54 -21.98
N LEU A 674 8.60 -27.71 -22.91
CA LEU A 674 8.20 -29.05 -23.33
C LEU A 674 9.36 -29.78 -24.01
N ILE A 675 10.10 -29.08 -24.86
CA ILE A 675 11.25 -29.71 -25.53
C ILE A 675 12.29 -30.14 -24.49
N HIS A 676 12.59 -29.24 -23.56
CA HIS A 676 13.55 -29.57 -22.52
C HIS A 676 13.07 -30.77 -21.70
N SER A 677 11.77 -30.82 -21.42
CA SER A 677 11.25 -31.87 -20.56
C SER A 677 11.18 -33.21 -21.27
N VAL A 678 10.93 -33.21 -22.58
CA VAL A 678 10.93 -34.49 -23.29
C VAL A 678 12.36 -35.00 -23.42
N ASN A 679 13.33 -34.09 -23.64
CA ASN A 679 14.72 -34.53 -23.60
C ASN A 679 15.07 -35.06 -22.22
N ARG A 680 14.52 -34.43 -21.18
CA ARG A 680 14.71 -34.91 -19.82
C ARG A 680 14.15 -36.31 -19.64
N LEU A 681 12.98 -36.57 -20.22
CA LEU A 681 12.40 -37.91 -20.16
C LEU A 681 13.28 -38.92 -20.88
N ALA A 682 13.83 -38.54 -22.03
CA ALA A 682 14.72 -39.44 -22.75
C ALA A 682 15.94 -39.80 -21.90
N MET A 683 16.58 -38.79 -21.33
CA MET A 683 17.74 -39.07 -20.49
C MET A 683 17.36 -39.78 -19.20
N GLU A 684 16.15 -39.56 -18.69
CA GLU A 684 15.70 -40.26 -17.50
C GLU A 684 15.52 -41.74 -17.80
N THR A 685 14.95 -42.06 -18.95
CA THR A 685 14.88 -43.46 -19.37
C THR A 685 16.28 -44.05 -19.52
N ARG A 686 17.19 -43.27 -20.10
CA ARG A 686 18.58 -43.73 -20.22
C ARG A 686 19.16 -44.09 -18.86
N LYS A 687 19.00 -43.20 -17.88
CA LYS A 687 19.58 -43.42 -16.57
C LYS A 687 18.89 -44.56 -15.84
N VAL A 688 17.57 -44.68 -15.99
CA VAL A 688 16.84 -45.76 -15.32
C VAL A 688 17.29 -47.10 -15.85
N MET A 689 17.46 -47.22 -17.17
CA MET A 689 17.85 -48.48 -17.77
C MET A 689 19.37 -48.66 -17.84
N LYS A 690 20.13 -47.72 -17.28
CA LYS A 690 21.59 -47.84 -17.19
C LYS A 690 22.25 -47.99 -18.57
N GLY A 691 21.63 -47.41 -19.60
CA GLY A 691 22.17 -47.40 -20.93
C GLY A 691 21.83 -48.62 -21.77
N ASN A 692 21.50 -49.75 -21.13
CA ASN A 692 21.18 -50.97 -21.86
C ASN A 692 19.76 -50.84 -22.42
N HIS A 693 19.67 -50.19 -23.58
CA HIS A 693 18.37 -49.97 -24.20
C HIS A 693 17.75 -51.29 -24.62
N SER A 694 16.45 -51.44 -24.36
CA SER A 694 15.71 -52.63 -24.74
C SER A 694 15.00 -52.41 -26.07
N ARG A 695 14.52 -53.52 -26.65
CA ARG A 695 13.77 -53.43 -27.89
C ARG A 695 12.49 -52.62 -27.72
N LYS A 696 11.79 -52.82 -26.60
CA LYS A 696 10.58 -52.05 -26.34
C LYS A 696 10.90 -50.58 -26.15
N THR A 697 11.98 -50.27 -25.45
CA THR A 697 12.30 -48.88 -25.11
C THR A 697 13.10 -48.16 -26.17
N ALA A 698 13.74 -48.89 -27.10
CA ALA A 698 14.35 -48.23 -28.23
C ALA A 698 13.29 -47.51 -29.06
N ALA A 699 12.13 -48.14 -29.24
CA ALA A 699 11.03 -47.46 -29.93
C ALA A 699 10.59 -46.23 -29.16
N PHE A 700 10.55 -46.31 -27.83
CA PHE A 700 10.12 -45.15 -27.04
C PHE A 700 11.11 -44.00 -27.17
N VAL A 701 12.41 -44.28 -27.09
CA VAL A 701 13.39 -43.21 -27.18
C VAL A 701 13.41 -42.63 -28.59
N ARG A 702 13.21 -43.48 -29.60
CA ARG A 702 13.09 -42.97 -30.96
C ARG A 702 11.86 -42.09 -31.10
N ALA A 703 10.75 -42.47 -30.45
CA ALA A 703 9.56 -41.64 -30.48
C ALA A 703 9.80 -40.29 -29.82
N CYS A 704 10.52 -40.29 -28.69
CA CYS A 704 10.83 -39.05 -28.01
C CYS A 704 11.72 -38.15 -28.86
N VAL A 705 12.74 -38.72 -29.49
CA VAL A 705 13.65 -37.90 -30.27
C VAL A 705 12.96 -37.38 -31.53
N ALA A 706 12.07 -38.19 -32.13
CA ALA A 706 11.28 -37.72 -33.26
C ALA A 706 10.31 -36.63 -32.83
N TYR A 707 9.70 -36.78 -31.65
CA TYR A 707 8.92 -35.72 -31.03
C TYR A 707 9.70 -34.42 -30.99
N CYS A 708 10.92 -34.48 -30.49
CA CYS A 708 11.72 -33.27 -30.38
C CYS A 708 12.00 -32.70 -31.77
N PHE A 709 12.33 -33.58 -32.73
CA PHE A 709 12.60 -33.14 -34.10
C PHE A 709 11.42 -32.39 -34.69
N ILE A 710 10.21 -32.91 -34.47
CA ILE A 710 9.03 -32.20 -34.95
C ILE A 710 8.87 -30.88 -34.21
N THR A 711 9.24 -30.85 -32.92
CA THR A 711 8.86 -29.73 -32.09
C THR A 711 9.74 -28.49 -32.32
N ILE A 712 11.06 -28.65 -32.47
CA ILE A 712 11.89 -27.44 -32.60
C ILE A 712 11.46 -26.51 -33.73
N PRO A 713 11.21 -27.00 -34.96
CA PRO A 713 10.98 -26.05 -36.06
C PRO A 713 9.83 -25.08 -35.83
N SER A 714 8.89 -25.43 -34.96
CA SER A 714 7.76 -24.55 -34.68
C SER A 714 8.18 -23.28 -33.96
N LEU A 715 9.35 -23.29 -33.32
CA LEU A 715 9.76 -22.16 -32.49
C LEU A 715 9.98 -20.91 -33.33
N ALA A 716 9.77 -19.74 -32.73
CA ALA A 716 9.87 -18.47 -33.45
C ALA A 716 11.24 -17.83 -33.32
N GLY A 717 11.79 -17.79 -32.10
CA GLY A 717 13.11 -17.21 -31.92
C GLY A 717 14.15 -18.01 -32.68
N ILE A 718 15.19 -17.31 -33.13
CA ILE A 718 16.22 -17.97 -33.95
C ILE A 718 17.28 -18.62 -33.07
N PHE A 719 17.96 -17.83 -32.24
CA PHE A 719 19.05 -18.39 -31.43
C PHE A 719 18.53 -19.46 -30.49
N THR A 720 17.29 -19.32 -30.01
CA THR A 720 16.67 -20.38 -29.25
C THR A 720 16.54 -21.65 -30.08
N ARG A 721 16.15 -21.51 -31.34
CA ARG A 721 16.05 -22.66 -32.22
C ARG A 721 17.40 -23.34 -32.40
N LEU A 722 18.45 -22.56 -32.62
CA LEU A 722 19.78 -23.12 -32.78
C LEU A 722 20.23 -23.87 -31.54
N ASN A 723 20.09 -23.23 -30.37
CA ASN A 723 20.53 -23.87 -29.14
C ASN A 723 19.75 -25.14 -28.86
N LEU A 724 18.43 -25.12 -29.09
CA LEU A 724 17.64 -26.31 -28.84
C LEU A 724 17.94 -27.39 -29.86
N TYR A 725 18.30 -27.01 -31.09
CA TYR A 725 18.75 -28.01 -32.06
C TYR A 725 20.00 -28.71 -31.58
N LEU A 726 20.97 -27.96 -31.07
CA LEU A 726 22.16 -28.58 -30.52
C LEU A 726 21.83 -29.50 -29.35
N HIS A 727 21.06 -29.01 -28.38
CA HIS A 727 20.79 -29.84 -27.21
C HIS A 727 20.02 -31.09 -27.61
N SER A 728 19.08 -30.96 -28.55
CA SER A 728 18.39 -32.11 -29.09
C SER A 728 19.36 -33.08 -29.73
N GLY A 729 20.34 -32.56 -30.47
CA GLY A 729 21.34 -33.44 -31.06
C GLY A 729 22.07 -34.24 -30.02
N GLN A 730 22.63 -33.55 -29.02
CA GLN A 730 23.41 -34.26 -28.01
C GLN A 730 22.57 -35.31 -27.30
N VAL A 731 21.34 -34.96 -26.92
CA VAL A 731 20.49 -35.94 -26.26
C VAL A 731 20.13 -37.07 -27.22
N ALA A 732 20.16 -36.79 -28.51
CA ALA A 732 19.89 -37.84 -29.49
C ALA A 732 21.02 -38.86 -29.54
N LEU A 733 22.26 -38.39 -29.64
CA LEU A 733 23.37 -39.35 -29.75
C LEU A 733 23.51 -40.18 -28.49
N ALA A 734 22.95 -39.73 -27.36
CA ALA A 734 23.13 -40.45 -26.11
C ALA A 734 22.46 -41.82 -26.10
N ASN A 735 21.62 -42.12 -27.08
CA ASN A 735 20.84 -43.36 -27.09
C ASN A 735 21.16 -44.21 -28.30
N GLN A 736 22.41 -44.17 -28.78
CA GLN A 736 22.91 -45.04 -29.84
C GLN A 736 22.13 -44.92 -31.15
N CYS A 737 21.35 -43.85 -31.31
CA CYS A 737 20.56 -43.67 -32.53
C CYS A 737 21.15 -42.52 -33.35
N LEU A 738 21.83 -42.90 -34.44
CA LEU A 738 22.77 -41.99 -35.09
C LEU A 738 22.12 -41.22 -36.24
N SER A 739 21.23 -41.86 -36.98
CA SER A 739 20.75 -41.27 -38.23
C SER A 739 19.98 -39.97 -37.98
N GLN A 740 19.04 -40.00 -37.04
CA GLN A 740 18.27 -38.79 -36.77
C GLN A 740 19.13 -37.72 -36.10
N ALA A 741 20.18 -38.15 -35.40
CA ALA A 741 21.13 -37.17 -34.87
C ALA A 741 21.86 -36.45 -35.99
N ASP A 742 22.32 -37.19 -36.99
CA ASP A 742 22.92 -36.56 -38.17
C ASP A 742 21.91 -35.64 -38.85
N ALA A 743 20.64 -36.06 -38.87
CA ALA A 743 19.59 -35.19 -39.38
C ALA A 743 19.49 -33.90 -38.57
N PHE A 744 19.62 -34.01 -37.24
CA PHE A 744 19.61 -32.82 -36.40
C PHE A 744 20.73 -31.88 -36.75
N PHE A 745 21.95 -32.42 -36.90
CA PHE A 745 23.07 -31.55 -37.23
C PHE A 745 22.92 -30.93 -38.60
N LYS A 746 22.40 -31.69 -39.57
CA LYS A 746 22.17 -31.13 -40.89
C LYS A 746 21.13 -30.01 -40.82
N ALA A 747 20.07 -30.21 -40.05
CA ALA A 747 19.05 -29.17 -39.91
C ALA A 747 19.61 -27.94 -39.23
N ALA A 748 20.43 -28.13 -38.21
CA ALA A 748 21.06 -27.00 -37.53
C ALA A 748 21.94 -26.22 -38.50
N ILE A 749 22.73 -26.93 -39.30
CA ILE A 749 23.59 -26.28 -40.27
C ILE A 749 22.75 -25.48 -41.26
N SER A 750 21.69 -26.11 -41.78
CA SER A 750 20.83 -25.42 -42.73
C SER A 750 20.17 -24.20 -42.11
N LEU A 751 19.94 -24.22 -40.80
CA LEU A 751 19.37 -23.07 -40.12
C LEU A 751 20.40 -21.99 -39.83
N VAL A 752 21.69 -22.35 -39.78
CA VAL A 752 22.74 -21.37 -39.47
C VAL A 752 22.66 -20.12 -40.33
N PRO A 753 22.54 -20.19 -41.66
CA PRO A 753 22.60 -18.96 -42.46
C PRO A 753 21.50 -17.96 -42.13
N GLU A 754 20.39 -18.41 -41.54
CA GLU A 754 19.28 -17.52 -41.26
C GLU A 754 19.58 -16.54 -40.13
N VAL A 755 20.69 -16.71 -39.42
CA VAL A 755 20.95 -15.81 -38.29
C VAL A 755 21.10 -14.38 -38.79
N PRO A 756 20.45 -13.40 -38.15
CA PRO A 756 20.58 -12.02 -38.59
C PRO A 756 21.78 -11.34 -37.92
N LYS A 757 22.11 -10.15 -38.43
CA LYS A 757 23.18 -9.38 -37.83
C LYS A 757 22.73 -8.75 -36.51
N MET A 758 21.46 -8.36 -36.44
CA MET A 758 20.96 -7.52 -35.36
C MET A 758 19.79 -8.24 -34.71
N ILE A 759 19.88 -8.53 -33.41
CA ILE A 759 18.92 -9.39 -32.74
C ILE A 759 18.26 -8.61 -31.60
N ASN A 760 17.25 -9.24 -31.01
CA ASN A 760 16.43 -8.64 -29.95
C ASN A 760 16.77 -9.32 -28.64
N ILE A 761 17.02 -8.52 -27.61
CA ILE A 761 17.32 -9.02 -26.27
C ILE A 761 16.62 -8.13 -25.26
N ASP A 762 15.72 -8.71 -24.46
CA ASP A 762 15.02 -8.02 -23.37
C ASP A 762 14.32 -6.76 -23.89
N GLY A 763 13.70 -6.87 -25.06
CA GLY A 763 13.03 -5.76 -25.69
C GLY A 763 13.94 -4.81 -26.42
N LYS A 764 15.20 -4.70 -26.02
CA LYS A 764 16.16 -3.84 -26.70
C LYS A 764 16.76 -4.56 -27.90
N MET A 765 17.60 -3.84 -28.64
CA MET A 765 18.25 -4.37 -29.84
C MET A 765 19.75 -4.47 -29.53
N ARG A 766 20.34 -5.63 -29.83
CA ARG A 766 21.75 -5.85 -29.59
C ARG A 766 22.38 -6.56 -30.78
N PRO A 767 23.69 -6.41 -30.98
CA PRO A 767 24.36 -7.13 -32.06
C PRO A 767 24.37 -8.62 -31.81
N SER A 768 24.45 -9.38 -32.91
CA SER A 768 24.46 -10.84 -32.84
C SER A 768 25.83 -11.43 -33.12
N GLU A 769 26.90 -10.65 -32.99
CA GLU A 769 28.23 -11.13 -33.34
C GLU A 769 28.73 -12.16 -32.33
N SER A 770 28.85 -11.76 -31.06
CA SER A 770 29.40 -12.66 -30.06
C SER A 770 28.53 -13.88 -29.86
N PHE A 771 27.20 -13.70 -29.95
CA PHE A 771 26.30 -14.84 -29.84
C PHE A 771 26.52 -15.83 -30.97
N LEU A 772 26.71 -15.33 -32.19
CA LEU A 772 27.01 -16.22 -33.30
C LEU A 772 28.34 -16.94 -33.07
N LEU A 773 29.33 -16.22 -32.55
CA LEU A 773 30.62 -16.84 -32.24
C LEU A 773 30.45 -17.98 -31.25
N GLU A 774 29.71 -17.74 -30.17
CA GLU A 774 29.55 -18.77 -29.15
C GLU A 774 28.75 -19.95 -29.68
N PHE A 775 27.74 -19.68 -30.51
CA PHE A 775 26.98 -20.77 -31.10
C PHE A 775 27.86 -21.65 -31.97
N LEU A 776 28.65 -21.04 -32.87
CA LEU A 776 29.53 -21.83 -33.71
C LEU A 776 30.54 -22.59 -32.88
N CYS A 777 31.06 -21.97 -31.81
CA CYS A 777 32.03 -22.64 -30.96
C CYS A 777 31.41 -23.89 -30.34
N ASN A 778 30.19 -23.77 -29.82
CA ASN A 778 29.51 -24.92 -29.24
C ASN A 778 29.26 -25.98 -30.29
N PHE A 779 28.88 -25.57 -31.49
CA PHE A 779 28.60 -26.52 -32.56
C PHE A 779 29.86 -27.31 -32.92
N PHE A 780 31.00 -26.63 -33.02
CA PHE A 780 32.24 -27.31 -33.31
C PHE A 780 32.59 -28.29 -32.19
N SER A 781 32.55 -27.81 -30.94
CA SER A 781 32.89 -28.67 -29.81
C SER A 781 32.01 -29.91 -29.79
N THR A 782 30.74 -29.77 -30.18
CA THR A 782 29.88 -30.94 -30.28
C THR A 782 30.31 -31.87 -31.41
N LEU A 783 30.52 -31.31 -32.60
CA LEU A 783 30.88 -32.14 -33.75
C LEU A 783 32.25 -32.77 -33.58
N LEU A 784 32.96 -32.45 -32.49
CA LEU A 784 34.12 -33.26 -32.12
C LEU A 784 33.76 -34.73 -32.03
N ILE A 785 32.69 -35.05 -31.30
CA ILE A 785 32.36 -36.45 -31.02
C ILE A 785 31.48 -37.08 -32.09
N VAL A 786 30.91 -36.30 -32.99
CA VAL A 786 29.89 -36.83 -33.89
C VAL A 786 30.53 -37.74 -34.93
N PRO A 787 30.11 -38.98 -35.06
CA PRO A 787 30.65 -39.87 -36.10
C PRO A 787 30.18 -39.45 -37.49
N ASP A 788 30.96 -39.84 -38.48
CA ASP A 788 30.67 -39.58 -39.88
C ASP A 788 30.12 -40.84 -40.53
N HIS A 789 29.03 -40.70 -41.27
CA HIS A 789 28.40 -41.85 -41.90
C HIS A 789 29.32 -42.42 -42.98
N PRO A 790 29.45 -43.75 -43.07
CA PRO A 790 30.35 -44.33 -44.10
C PRO A 790 29.95 -44.02 -45.52
N GLU A 791 28.66 -43.79 -45.78
CA GLU A 791 28.22 -43.51 -47.15
C GLU A 791 28.75 -42.18 -47.67
N HIS A 792 29.17 -41.28 -46.79
CA HIS A 792 29.69 -39.98 -47.18
C HIS A 792 31.18 -39.90 -46.83
N GLY A 793 31.78 -38.74 -47.12
CA GLY A 793 33.18 -38.53 -46.85
C GLY A 793 33.45 -38.16 -45.40
N VAL A 794 34.73 -38.00 -45.10
CA VAL A 794 35.16 -37.64 -43.75
C VAL A 794 34.91 -36.16 -43.52
N LEU A 795 34.85 -35.77 -42.25
CA LEU A 795 34.71 -34.36 -41.85
C LEU A 795 33.42 -33.77 -42.40
N PHE A 796 32.43 -34.62 -42.60
CA PHE A 796 31.26 -34.27 -43.41
C PHE A 796 30.53 -33.06 -42.85
N LEU A 797 29.91 -33.22 -41.67
CA LEU A 797 29.17 -32.11 -41.07
C LEU A 797 30.08 -30.93 -40.81
N VAL A 798 31.33 -31.21 -40.42
CA VAL A 798 32.32 -30.16 -40.29
C VAL A 798 32.53 -29.45 -41.64
N ARG A 799 32.52 -30.22 -42.73
CA ARG A 799 32.74 -29.62 -44.04
C ARG A 799 31.59 -28.67 -44.40
N GLU A 800 30.34 -29.10 -44.19
CA GLU A 800 29.25 -28.18 -44.48
C GLU A 800 29.25 -26.97 -43.54
N LEU A 801 29.63 -27.15 -42.27
CA LEU A 801 29.69 -25.99 -41.40
C LEU A 801 30.78 -25.02 -41.86
N LEU A 802 31.92 -25.54 -42.31
CA LEU A 802 32.96 -24.68 -42.86
C LEU A 802 32.44 -23.92 -44.07
N ASN A 803 31.73 -24.62 -44.95
CA ASN A 803 31.16 -23.97 -46.13
C ASN A 803 30.20 -22.86 -45.72
N VAL A 804 29.36 -23.11 -44.72
CA VAL A 804 28.39 -22.11 -44.29
C VAL A 804 29.09 -20.90 -43.69
N ILE A 805 30.06 -21.13 -42.80
CA ILE A 805 30.71 -20.00 -42.14
C ILE A 805 31.51 -19.18 -43.13
N GLN A 806 32.15 -19.85 -44.11
CA GLN A 806 32.83 -19.11 -45.17
C GLN A 806 31.83 -18.30 -45.98
N ASP A 807 30.68 -18.89 -46.28
CA ASP A 807 29.66 -18.22 -47.09
C ASP A 807 28.86 -17.21 -46.29
N TYR A 808 29.03 -17.14 -44.97
CA TYR A 808 28.24 -16.23 -44.16
C TYR A 808 28.62 -14.79 -44.47
N THR A 809 27.60 -13.93 -44.53
CA THR A 809 27.78 -12.50 -44.82
C THR A 809 28.34 -11.82 -43.57
N TRP A 810 29.61 -12.07 -43.31
CA TRP A 810 30.29 -11.47 -42.17
C TRP A 810 30.49 -9.98 -42.40
N GLU A 811 30.38 -9.20 -41.33
CA GLU A 811 30.51 -7.75 -41.42
C GLU A 811 31.91 -7.35 -41.85
N ASP A 812 31.99 -6.27 -42.63
CA ASP A 812 33.28 -5.81 -43.13
C ASP A 812 34.21 -5.41 -41.98
N ASN A 813 33.67 -4.74 -40.97
CA ASN A 813 34.45 -4.33 -39.81
C ASN A 813 34.54 -5.42 -38.75
N SER A 814 34.27 -6.67 -39.10
CA SER A 814 34.27 -7.79 -38.16
C SER A 814 35.38 -8.76 -38.49
N ASP A 815 36.12 -9.19 -37.47
CA ASP A 815 37.20 -10.16 -37.63
C ASP A 815 36.98 -11.43 -36.80
N GLU A 816 35.78 -11.63 -36.25
CA GLU A 816 35.51 -12.85 -35.49
C GLU A 816 35.49 -14.07 -36.39
N LYS A 817 35.42 -13.88 -37.71
CA LYS A 817 35.48 -14.98 -38.65
C LYS A 817 36.80 -15.73 -38.52
N ILE A 818 37.90 -15.00 -38.40
CA ILE A 818 39.19 -15.65 -38.20
C ILE A 818 39.27 -16.25 -36.81
N ARG A 819 38.59 -15.65 -35.83
CA ARG A 819 38.43 -16.31 -34.54
C ARG A 819 37.81 -17.69 -34.71
N ILE A 820 36.77 -17.78 -35.55
CA ILE A 820 36.11 -19.06 -35.76
C ILE A 820 37.01 -20.03 -36.52
N TYR A 821 37.80 -19.56 -37.49
CA TYR A 821 38.78 -20.46 -38.12
C TYR A 821 39.84 -20.95 -37.12
N THR A 822 40.28 -20.09 -36.21
CA THR A 822 41.18 -20.56 -35.16
C THR A 822 40.49 -21.63 -34.32
N CYS A 823 39.22 -21.44 -34.01
CA CYS A 823 38.45 -22.47 -33.31
C CYS A 823 38.38 -23.75 -34.13
N VAL A 824 38.26 -23.61 -35.45
CA VAL A 824 38.29 -24.77 -36.35
C VAL A 824 39.59 -25.51 -36.21
N LEU A 825 40.70 -24.76 -36.19
CA LEU A 825 42.00 -25.38 -36.02
C LEU A 825 42.08 -26.12 -34.69
N HIS A 826 41.54 -25.51 -33.63
CA HIS A 826 41.51 -26.18 -32.34
C HIS A 826 40.76 -27.50 -32.43
N LEU A 827 39.58 -27.48 -33.06
CA LEU A 827 38.76 -28.69 -33.15
C LEU A 827 39.46 -29.78 -33.95
N LEU A 828 40.04 -29.42 -35.09
CA LEU A 828 40.68 -30.42 -35.93
C LEU A 828 41.93 -30.98 -35.26
N SER A 829 42.66 -30.15 -34.53
CA SER A 829 43.82 -30.64 -33.79
C SER A 829 43.40 -31.60 -32.70
N ALA A 830 42.34 -31.27 -31.96
CA ALA A 830 41.86 -32.15 -30.91
C ALA A 830 41.35 -33.47 -31.47
N MET A 831 40.65 -33.41 -32.61
CA MET A 831 40.07 -34.62 -33.20
C MET A 831 41.10 -35.44 -33.95
N SER A 832 42.25 -34.85 -34.29
CA SER A 832 43.33 -35.59 -34.92
C SER A 832 44.08 -36.50 -33.95
N GLN A 833 43.80 -36.41 -32.66
CA GLN A 833 44.46 -37.22 -31.66
C GLN A 833 43.98 -38.67 -31.74
N GLU A 834 44.75 -39.56 -31.10
CA GLU A 834 44.42 -40.98 -31.10
C GLU A 834 43.10 -41.23 -30.37
N THR A 835 42.96 -40.67 -29.17
CA THR A 835 41.76 -40.85 -28.35
C THR A 835 41.20 -39.48 -28.00
N TYR A 836 39.89 -39.32 -28.14
CA TYR A 836 39.25 -38.04 -27.85
C TYR A 836 39.15 -37.82 -26.35
N LEU A 837 39.03 -36.54 -25.98
CA LEU A 837 39.00 -36.19 -24.55
C LEU A 837 37.76 -36.74 -23.86
N TYR A 838 36.60 -36.65 -24.51
CA TYR A 838 35.36 -37.16 -23.95
C TYR A 838 34.64 -38.02 -24.97
N HIS A 839 33.91 -39.02 -24.47
CA HIS A 839 33.23 -40.00 -25.31
C HIS A 839 31.79 -40.18 -24.86
N ILE A 840 30.96 -40.64 -25.80
CA ILE A 840 29.60 -41.04 -25.47
C ILE A 840 29.60 -42.47 -24.93
N ASP A 841 28.52 -42.82 -24.23
CA ASP A 841 28.44 -44.11 -23.55
C ASP A 841 28.62 -45.27 -24.52
N LYS A 842 27.90 -45.25 -25.65
CA LYS A 842 27.93 -46.38 -26.58
C LYS A 842 27.94 -45.92 -28.03
N VAL A 843 28.58 -44.79 -28.33
CA VAL A 843 28.69 -44.27 -29.68
C VAL A 843 30.14 -44.33 -30.11
N ASP A 844 30.41 -44.93 -31.27
CA ASP A 844 31.77 -45.07 -31.80
C ASP A 844 32.10 -43.80 -32.57
N SER A 845 32.88 -42.92 -31.97
CA SER A 845 33.31 -41.69 -32.63
C SER A 845 34.39 -42.00 -33.66
N ASN A 846 34.84 -40.96 -34.35
CA ASN A 846 35.81 -41.14 -35.44
C ASN A 846 37.13 -41.72 -34.94
N ASP A 847 37.46 -41.51 -33.65
CA ASP A 847 38.68 -42.08 -33.11
C ASP A 847 38.62 -43.60 -33.10
N SER A 848 37.46 -44.16 -32.79
CA SER A 848 37.28 -45.61 -32.80
C SER A 848 36.70 -46.13 -34.10
N LEU A 849 35.94 -45.29 -34.82
CA LEU A 849 35.38 -45.72 -36.10
C LEU A 849 36.47 -45.87 -37.15
N TYR A 850 37.20 -44.79 -37.42
CA TYR A 850 38.29 -44.85 -38.39
C TYR A 850 39.57 -45.43 -37.80
N GLY A 851 39.67 -45.49 -36.48
CA GLY A 851 40.85 -46.05 -35.84
C GLY A 851 42.13 -45.31 -36.14
N GLY A 852 42.07 -43.99 -36.24
CA GLY A 852 43.25 -43.21 -36.58
C GLY A 852 43.82 -43.54 -37.94
N ASP A 853 42.96 -43.66 -38.95
CA ASP A 853 43.40 -44.04 -40.28
C ASP A 853 44.28 -42.95 -40.89
N SER A 854 45.25 -43.38 -41.71
CA SER A 854 46.17 -42.44 -42.34
C SER A 854 45.43 -41.53 -43.31
N LYS A 855 44.47 -42.06 -44.07
CA LYS A 855 43.73 -41.24 -45.03
C LYS A 855 42.90 -40.17 -44.33
N PHE A 856 42.27 -40.51 -43.21
CA PHE A 856 41.50 -39.52 -42.45
C PHE A 856 42.40 -38.41 -41.93
N LEU A 857 43.59 -38.78 -41.42
CA LEU A 857 44.52 -37.78 -40.92
C LEU A 857 45.03 -36.89 -42.07
N ALA A 858 45.27 -37.49 -43.23
CA ALA A 858 45.72 -36.71 -44.38
C ALA A 858 44.65 -35.72 -44.83
N GLU A 859 43.39 -36.16 -44.89
CA GLU A 859 42.30 -35.25 -45.23
C GLU A 859 42.17 -34.14 -44.20
N ASN A 860 42.32 -34.50 -42.91
CA ASN A 860 42.29 -33.49 -41.87
C ASN A 860 43.41 -32.47 -42.05
N ASN A 861 44.61 -32.94 -42.41
CA ASN A 861 45.73 -32.02 -42.61
C ASN A 861 45.51 -31.13 -43.83
N LYS A 862 44.88 -31.66 -44.87
CA LYS A 862 44.54 -30.84 -46.03
C LYS A 862 43.54 -29.75 -45.63
N LEU A 863 42.55 -30.11 -44.81
CA LEU A 863 41.64 -29.11 -44.27
C LEU A 863 42.39 -28.08 -43.44
N CYS A 864 43.38 -28.54 -42.66
CA CYS A 864 44.25 -27.63 -41.90
C CYS A 864 44.89 -26.61 -42.82
N GLU A 865 45.48 -27.09 -43.92
CA GLU A 865 46.17 -26.22 -44.85
C GLU A 865 45.21 -25.21 -45.49
N THR A 866 44.00 -25.67 -45.83
CA THR A 866 43.02 -24.75 -46.40
C THR A 866 42.65 -23.66 -45.40
N VAL A 867 42.39 -24.04 -44.15
CA VAL A 867 41.99 -23.07 -43.13
C VAL A 867 43.13 -22.08 -42.87
N MET A 868 44.35 -22.58 -42.77
CA MET A 868 45.49 -21.70 -42.53
C MET A 868 45.72 -20.77 -43.71
N ALA A 869 45.51 -21.25 -44.93
CA ALA A 869 45.63 -20.38 -46.10
C ALA A 869 44.60 -19.28 -46.06
N GLN A 870 43.36 -19.61 -45.69
CA GLN A 870 42.33 -18.58 -45.56
C GLN A 870 42.71 -17.55 -44.50
N ILE A 871 43.21 -18.03 -43.35
CA ILE A 871 43.59 -17.12 -42.27
C ILE A 871 44.74 -16.21 -42.70
N LEU A 872 45.73 -16.78 -43.39
CA LEU A 872 46.86 -15.98 -43.85
C LEU A 872 46.44 -14.96 -44.89
N GLU A 873 45.52 -15.34 -45.79
CA GLU A 873 45.02 -14.39 -46.76
C GLU A 873 44.28 -13.24 -46.07
N HIS A 874 43.48 -13.55 -45.05
CA HIS A 874 42.81 -12.50 -44.30
C HIS A 874 43.81 -11.61 -43.59
N LEU A 875 44.88 -12.19 -43.04
CA LEU A 875 45.92 -11.40 -42.38
C LEU A 875 46.61 -10.47 -43.37
N LYS A 876 46.90 -10.96 -44.58
CA LYS A 876 47.51 -10.11 -45.58
C LYS A 876 46.58 -8.98 -46.01
N THR A 877 45.29 -9.27 -46.14
CA THR A 877 44.33 -8.22 -46.46
C THR A 877 44.27 -7.18 -45.35
N LEU A 878 44.30 -7.62 -44.09
CA LEU A 878 44.31 -6.68 -42.97
C LEU A 878 45.57 -5.82 -43.00
N ALA A 879 46.72 -6.43 -43.30
CA ALA A 879 47.96 -5.67 -43.40
C ALA A 879 47.88 -4.63 -44.51
N LYS A 880 47.33 -5.02 -45.65
CA LYS A 880 47.14 -4.07 -46.75
C LYS A 880 46.13 -2.99 -46.41
N ASP A 881 45.21 -3.26 -45.47
CA ASP A 881 44.22 -2.27 -45.06
C ASP A 881 44.76 -1.26 -44.06
N GLU A 882 45.99 -1.42 -43.61
CA GLU A 882 46.71 -0.54 -42.68
C GLU A 882 46.11 -0.53 -41.28
N ALA A 883 45.14 -1.41 -40.98
CA ALA A 883 44.58 -1.54 -39.64
C ALA A 883 45.49 -2.45 -38.82
N LEU A 884 46.54 -1.86 -38.26
CA LEU A 884 47.58 -2.63 -37.59
C LEU A 884 47.16 -3.17 -36.23
N LYS A 885 46.21 -2.52 -35.55
CA LYS A 885 45.75 -3.01 -34.26
C LYS A 885 45.07 -4.36 -34.40
N ARG A 886 44.11 -4.46 -35.32
CA ARG A 886 43.43 -5.73 -35.55
C ARG A 886 44.41 -6.78 -36.05
N GLN A 887 45.34 -6.40 -36.93
CA GLN A 887 46.33 -7.35 -37.42
C GLN A 887 47.19 -7.90 -36.28
N SER A 888 47.61 -7.03 -35.37
CA SER A 888 48.41 -7.47 -34.24
C SER A 888 47.62 -8.39 -33.31
N SER A 889 46.36 -8.06 -33.06
CA SER A 889 45.53 -8.92 -32.22
C SER A 889 45.35 -10.28 -32.86
N LEU A 890 45.08 -10.30 -34.17
CA LEU A 890 44.94 -11.55 -34.91
C LEU A 890 46.22 -12.38 -34.85
N GLY A 891 47.38 -11.74 -35.03
CA GLY A 891 48.63 -12.46 -34.99
C GLY A 891 48.92 -13.05 -33.62
N LEU A 892 48.66 -12.27 -32.56
CA LEU A 892 48.88 -12.78 -31.20
C LEU A 892 47.95 -13.95 -30.90
N SER A 893 46.68 -13.85 -31.29
CA SER A 893 45.74 -14.93 -31.05
C SER A 893 46.13 -16.18 -31.84
N PHE A 894 46.58 -16.00 -33.09
CA PHE A 894 46.99 -17.16 -33.89
C PHE A 894 48.25 -17.81 -33.31
N PHE A 895 49.18 -17.01 -32.81
CA PHE A 895 50.36 -17.57 -32.17
C PHE A 895 49.98 -18.35 -30.91
N ASN A 896 49.02 -17.82 -30.15
CA ASN A 896 48.53 -18.55 -28.98
C ASN A 896 47.89 -19.87 -29.38
N SER A 897 47.11 -19.86 -30.46
CA SER A 897 46.50 -21.10 -30.95
C SER A 897 47.55 -22.12 -31.38
N ILE A 898 48.59 -21.66 -32.08
CA ILE A 898 49.67 -22.55 -32.50
C ILE A 898 50.38 -23.13 -31.29
N LEU A 899 50.65 -22.31 -30.28
CA LEU A 899 51.24 -22.81 -29.04
C LEU A 899 50.33 -23.83 -28.38
N ALA A 900 49.01 -23.63 -28.47
CA ALA A 900 48.07 -24.58 -27.89
C ALA A 900 48.15 -25.93 -28.58
N HIS A 901 48.04 -25.94 -29.91
CA HIS A 901 47.80 -27.20 -30.61
C HIS A 901 48.85 -27.48 -31.67
N GLY A 902 49.35 -26.44 -32.34
CA GLY A 902 50.35 -26.62 -33.37
C GLY A 902 51.62 -27.24 -32.84
N ASP A 903 52.10 -28.28 -33.53
CA ASP A 903 53.32 -28.98 -33.12
C ASP A 903 54.52 -28.08 -33.42
N LEU A 904 55.09 -27.49 -32.36
CA LEU A 904 56.24 -26.61 -32.54
C LEU A 904 57.49 -27.37 -32.95
N ARG A 905 57.48 -28.71 -32.83
CA ARG A 905 58.62 -29.50 -33.27
C ARG A 905 58.86 -29.36 -34.77
N ASN A 906 57.78 -29.31 -35.55
CA ASN A 906 57.90 -29.13 -36.99
C ASN A 906 58.57 -27.79 -37.30
N ASN A 907 59.54 -27.83 -38.21
CA ASN A 907 60.32 -26.63 -38.50
C ASN A 907 59.46 -25.55 -39.17
N LYS A 908 58.62 -25.95 -40.13
CA LYS A 908 57.82 -24.98 -40.86
C LYS A 908 56.80 -24.31 -39.94
N LEU A 909 56.15 -25.09 -39.08
CA LEU A 909 55.16 -24.51 -38.17
C LEU A 909 55.82 -23.62 -37.13
N ASN A 910 57.00 -24.03 -36.64
CA ASN A 910 57.73 -23.19 -35.69
C ASN A 910 58.15 -21.87 -36.35
N GLN A 911 58.60 -21.92 -37.60
CA GLN A 911 58.96 -20.70 -38.32
C GLN A 911 57.73 -19.81 -38.52
N LEU A 912 56.59 -20.42 -38.84
CA LEU A 912 55.36 -19.64 -38.99
C LEU A 912 54.98 -18.96 -37.68
N SER A 913 55.08 -19.69 -36.56
CA SER A 913 54.76 -19.10 -35.26
C SER A 913 55.71 -17.96 -34.91
N VAL A 914 57.01 -18.14 -35.20
CA VAL A 914 57.98 -17.08 -34.94
C VAL A 914 57.66 -15.85 -35.79
N ASN A 915 57.32 -16.06 -37.06
CA ASN A 915 56.97 -14.95 -37.93
C ASN A 915 55.73 -14.22 -37.44
N LEU A 916 54.73 -14.97 -36.97
CA LEU A 916 53.52 -14.34 -36.44
C LEU A 916 53.81 -13.54 -35.18
N TRP A 917 54.65 -14.09 -34.29
CA TRP A 917 55.02 -13.35 -33.09
C TRP A 917 55.77 -12.06 -33.44
N HIS A 918 56.69 -12.15 -34.40
CA HIS A 918 57.43 -10.96 -34.84
C HIS A 918 56.49 -9.92 -35.45
N LEU A 919 55.53 -10.36 -36.26
CA LEU A 919 54.57 -9.45 -36.85
C LEU A 919 53.71 -8.78 -35.79
N ALA A 920 53.27 -9.56 -34.79
CA ALA A 920 52.47 -8.99 -33.70
C ALA A 920 53.26 -7.97 -32.91
N GLN A 921 54.53 -8.25 -32.62
CA GLN A 921 55.35 -7.31 -31.86
C GLN A 921 55.78 -6.11 -32.70
N ARG A 922 55.77 -6.23 -34.03
CA ARG A 922 56.18 -5.12 -34.88
C ARG A 922 55.24 -3.93 -34.75
N HIS A 923 53.93 -4.18 -34.70
CA HIS A 923 52.92 -3.13 -34.63
C HIS A 923 52.24 -3.10 -33.26
N GLY A 924 53.00 -3.43 -32.22
CA GLY A 924 52.47 -3.43 -30.88
C GLY A 924 51.44 -4.51 -30.62
N GLY B 3 42.54 -13.17 7.93
CA GLY B 3 41.39 -12.89 7.09
C GLY B 3 40.94 -14.09 6.28
N HIS B 4 39.68 -14.47 6.45
CA HIS B 4 39.10 -15.61 5.74
C HIS B 4 37.96 -15.14 4.86
N ARG B 5 38.01 -15.51 3.59
CA ARG B 5 36.95 -15.21 2.62
C ARG B 5 36.34 -16.51 2.13
N LEU B 6 35.01 -16.56 2.12
CA LEU B 6 34.29 -17.77 1.74
C LEU B 6 33.55 -17.50 0.44
N VAL B 7 33.81 -18.34 -0.58
CA VAL B 7 33.20 -18.20 -1.89
C VAL B 7 32.51 -19.51 -2.24
N LEU B 8 31.36 -19.39 -2.89
CA LEU B 8 30.55 -20.53 -3.32
C LEU B 8 30.69 -20.65 -4.83
N VAL B 9 31.52 -21.58 -5.28
CA VAL B 9 31.64 -21.89 -6.70
C VAL B 9 30.55 -22.90 -7.04
N LEU B 10 29.73 -22.55 -8.04
CA LEU B 10 28.52 -23.30 -8.34
C LEU B 10 28.47 -23.49 -9.85
N GLY B 11 27.31 -23.90 -10.35
CA GLY B 11 27.12 -23.93 -11.79
C GLY B 11 26.18 -25.04 -12.19
N ASP B 12 25.58 -24.84 -13.36
CA ASP B 12 24.78 -25.86 -14.04
C ASP B 12 23.60 -26.31 -13.20
N LEU B 13 22.92 -25.35 -12.58
CA LEU B 13 21.69 -25.66 -11.88
C LEU B 13 20.63 -26.17 -12.84
N HIS B 14 20.47 -25.49 -13.97
CA HIS B 14 19.55 -25.86 -15.05
C HIS B 14 18.10 -25.95 -14.58
N ILE B 15 17.76 -25.24 -13.51
CA ILE B 15 16.37 -25.24 -13.03
C ILE B 15 15.55 -24.32 -13.93
N PRO B 16 14.40 -24.79 -14.46
CA PRO B 16 13.81 -26.11 -14.34
C PRO B 16 13.95 -26.90 -15.62
N HIS B 17 14.86 -26.49 -16.50
CA HIS B 17 15.00 -27.14 -17.79
C HIS B 17 15.35 -28.61 -17.65
N ARG B 18 16.13 -28.97 -16.64
CA ARG B 18 16.51 -30.36 -16.45
C ARG B 18 16.34 -30.89 -15.02
N CYS B 19 16.21 -30.02 -14.02
CA CYS B 19 16.05 -30.47 -12.64
C CYS B 19 15.06 -29.58 -11.94
N ASN B 20 14.21 -30.18 -11.09
CA ASN B 20 13.17 -29.42 -10.41
C ASN B 20 13.76 -28.41 -9.44
N SER B 21 14.78 -28.82 -8.69
CA SER B 21 15.46 -27.93 -7.75
C SER B 21 16.76 -28.60 -7.33
N LEU B 22 17.49 -27.95 -6.43
CA LEU B 22 18.71 -28.51 -5.90
C LEU B 22 18.39 -29.77 -5.10
N PRO B 23 19.38 -30.64 -4.90
CA PRO B 23 19.16 -31.77 -3.99
C PRO B 23 18.76 -31.27 -2.61
N ALA B 24 17.84 -32.01 -1.97
CA ALA B 24 17.20 -31.51 -0.76
C ALA B 24 18.21 -31.13 0.31
N LYS B 25 19.30 -31.90 0.44
CA LYS B 25 20.29 -31.60 1.46
C LYS B 25 21.02 -30.30 1.17
N PHE B 26 21.35 -30.06 -0.10
CA PHE B 26 22.19 -28.90 -0.43
C PHE B 26 21.55 -27.59 -0.02
N LYS B 27 20.21 -27.55 0.04
CA LYS B 27 19.56 -26.37 0.57
C LYS B 27 19.79 -26.22 2.07
N LYS B 28 19.87 -27.35 2.78
CA LYS B 28 20.12 -27.31 4.22
C LYS B 28 21.56 -26.94 4.53
N LEU B 29 22.51 -27.50 3.77
CA LEU B 29 23.92 -27.18 3.99
C LEU B 29 24.27 -25.76 3.60
N LEU B 30 23.36 -25.05 2.92
CA LEU B 30 23.59 -23.67 2.52
C LEU B 30 22.70 -22.78 3.37
N VAL B 31 23.30 -21.81 4.06
CA VAL B 31 22.54 -20.93 4.94
C VAL B 31 22.86 -19.47 4.62
N PRO B 32 21.87 -18.58 4.69
CA PRO B 32 22.15 -17.16 4.45
C PRO B 32 23.02 -16.55 5.53
N GLY B 33 23.73 -15.49 5.16
CA GLY B 33 24.58 -14.78 6.09
C GLY B 33 25.91 -15.43 6.37
N LYS B 34 26.23 -16.55 5.70
CA LYS B 34 27.48 -17.25 5.92
C LYS B 34 28.35 -17.30 4.67
N ILE B 35 27.82 -16.93 3.51
CA ILE B 35 28.55 -16.95 2.25
C ILE B 35 28.97 -15.52 1.92
N GLN B 36 30.25 -15.33 1.60
CA GLN B 36 30.72 -13.99 1.26
C GLN B 36 30.62 -13.71 -0.23
N HIS B 37 31.03 -14.65 -1.07
CA HIS B 37 30.92 -14.51 -2.52
C HIS B 37 30.21 -15.73 -3.09
N ILE B 38 29.57 -15.54 -4.25
CA ILE B 38 28.95 -16.65 -4.97
C ILE B 38 29.25 -16.51 -6.46
N LEU B 39 30.13 -17.35 -6.97
CA LEU B 39 30.44 -17.39 -8.39
C LEU B 39 29.68 -18.55 -9.02
N CYS B 40 28.98 -18.28 -10.12
CA CYS B 40 28.22 -19.30 -10.83
C CYS B 40 28.64 -19.34 -12.29
N THR B 41 28.94 -20.54 -12.79
CA THR B 41 29.35 -20.70 -14.17
C THR B 41 28.21 -20.47 -15.15
N GLY B 42 26.97 -20.47 -14.68
CA GLY B 42 25.85 -20.20 -15.55
C GLY B 42 24.77 -21.26 -15.53
N ASN B 43 23.94 -21.28 -16.56
CA ASN B 43 22.80 -22.20 -16.66
C ASN B 43 21.87 -22.07 -15.46
N LEU B 44 21.69 -20.84 -14.97
CA LEU B 44 20.67 -20.60 -13.96
C LEU B 44 19.29 -20.92 -14.53
N CYS B 45 19.04 -20.46 -15.75
CA CYS B 45 17.88 -20.71 -16.60
C CYS B 45 16.64 -19.97 -16.11
N THR B 46 16.66 -19.37 -14.92
CA THR B 46 15.52 -18.60 -14.42
C THR B 46 16.03 -17.45 -13.56
N LYS B 47 15.16 -16.46 -13.39
CA LYS B 47 15.40 -15.45 -12.37
C LYS B 47 15.22 -16.01 -10.98
N GLU B 48 14.51 -17.13 -10.84
CA GLU B 48 14.25 -17.70 -9.52
C GLU B 48 15.52 -18.26 -8.89
N SER B 49 16.35 -18.96 -9.68
CA SER B 49 17.59 -19.48 -9.14
C SER B 49 18.54 -18.35 -8.76
N TYR B 50 18.58 -17.29 -9.57
CA TYR B 50 19.38 -16.13 -9.23
C TYR B 50 18.87 -15.46 -7.95
N ASP B 51 17.55 -15.40 -7.78
CA ASP B 51 16.99 -14.85 -6.55
C ASP B 51 17.37 -15.71 -5.35
N TYR B 52 17.33 -17.03 -5.52
CA TYR B 52 17.73 -17.94 -4.44
C TYR B 52 19.19 -17.72 -4.06
N LEU B 53 20.05 -17.53 -5.05
CA LEU B 53 21.45 -17.19 -4.76
C LEU B 53 21.56 -15.85 -4.06
N LYS B 54 20.76 -14.88 -4.47
CA LYS B 54 20.83 -13.54 -3.88
C LYS B 54 20.48 -13.55 -2.40
N THR B 55 19.67 -14.52 -1.97
CA THR B 55 19.36 -14.67 -0.57
C THR B 55 20.46 -15.41 0.19
N LEU B 56 21.45 -15.96 -0.50
CA LEU B 56 22.52 -16.70 0.14
C LEU B 56 23.76 -15.85 0.41
N ALA B 57 23.91 -14.72 -0.25
CA ALA B 57 25.06 -13.84 -0.06
C ALA B 57 24.72 -12.47 -0.63
N GLY B 58 25.72 -11.59 -0.62
CA GLY B 58 25.55 -10.26 -1.18
C GLY B 58 26.28 -10.12 -2.50
N ASP B 59 27.46 -10.74 -2.59
CA ASP B 59 28.26 -10.72 -3.81
C ASP B 59 27.88 -11.92 -4.67
N VAL B 60 27.31 -11.66 -5.84
CA VAL B 60 26.81 -12.71 -6.74
C VAL B 60 27.36 -12.42 -8.13
N HIS B 61 28.42 -13.12 -8.51
CA HIS B 61 29.02 -12.99 -9.83
C HIS B 61 28.63 -14.20 -10.68
N ILE B 62 27.92 -13.94 -11.77
CA ILE B 62 27.26 -14.97 -12.57
C ILE B 62 27.40 -14.61 -14.04
N VAL B 63 27.73 -15.61 -14.87
CA VAL B 63 28.05 -15.39 -16.26
C VAL B 63 27.04 -16.11 -17.14
N ARG B 64 27.17 -15.92 -18.45
CA ARG B 64 26.19 -16.41 -19.41
C ARG B 64 26.49 -17.84 -19.81
N GLY B 65 25.48 -18.71 -19.67
CA GLY B 65 25.57 -20.07 -20.16
C GLY B 65 24.96 -20.19 -21.56
N ASP B 66 24.84 -21.42 -22.01
CA ASP B 66 24.25 -21.70 -23.31
C ASP B 66 22.73 -21.74 -23.27
N PHE B 67 22.13 -21.53 -22.09
CA PHE B 67 20.68 -21.62 -21.96
C PHE B 67 20.07 -20.54 -21.07
N ASP B 68 20.84 -19.54 -20.64
CA ASP B 68 20.32 -18.56 -19.70
C ASP B 68 19.19 -17.75 -20.32
N GLU B 69 18.14 -17.52 -19.54
CA GLU B 69 17.01 -16.72 -20.03
C GLU B 69 17.41 -15.27 -20.20
N ASN B 70 18.06 -14.70 -19.19
CA ASN B 70 18.58 -13.33 -19.27
C ASN B 70 19.95 -13.38 -19.94
N LEU B 71 20.08 -12.70 -21.07
CA LEU B 71 21.33 -12.73 -21.82
C LEU B 71 22.29 -11.59 -21.49
N ASN B 72 21.89 -10.68 -20.59
CA ASN B 72 22.76 -9.56 -20.20
C ASN B 72 23.97 -10.06 -19.43
N TYR B 73 24.04 -11.36 -19.23
CA TYR B 73 25.13 -11.98 -18.49
C TYR B 73 26.44 -11.85 -19.27
N PRO B 74 27.48 -11.27 -18.69
CA PRO B 74 28.76 -11.21 -19.40
C PRO B 74 29.32 -12.60 -19.67
N GLU B 75 29.86 -12.77 -20.88
CA GLU B 75 30.37 -14.08 -21.26
C GLU B 75 31.55 -14.50 -20.40
N GLN B 76 32.45 -13.56 -20.11
CA GLN B 76 33.64 -13.84 -19.31
C GLN B 76 33.75 -12.78 -18.22
N LYS B 77 34.11 -13.20 -17.02
CA LYS B 77 34.23 -12.30 -15.88
C LYS B 77 35.56 -12.52 -15.19
N VAL B 78 36.18 -11.43 -14.75
CA VAL B 78 37.37 -11.48 -13.92
C VAL B 78 37.12 -10.61 -12.69
N VAL B 79 37.08 -11.21 -11.52
CA VAL B 79 36.84 -10.47 -10.29
C VAL B 79 37.89 -10.84 -9.26
N THR B 80 38.32 -9.84 -8.49
CA THR B 80 39.43 -9.98 -7.56
C THR B 80 38.89 -10.12 -6.14
N VAL B 81 39.27 -11.20 -5.46
CA VAL B 81 38.94 -11.43 -4.06
C VAL B 81 40.21 -11.73 -3.30
N GLY B 82 40.39 -11.08 -2.16
CA GLY B 82 41.62 -11.24 -1.40
C GLY B 82 42.81 -10.81 -2.23
N GLN B 83 43.85 -11.64 -2.24
CA GLN B 83 45.02 -11.43 -3.08
C GLN B 83 44.93 -12.15 -4.41
N PHE B 84 43.78 -12.77 -4.70
CA PHE B 84 43.62 -13.61 -5.88
C PHE B 84 42.65 -12.99 -6.86
N LYS B 85 42.84 -13.30 -8.14
CA LYS B 85 41.90 -12.95 -9.19
C LYS B 85 41.31 -14.23 -9.75
N ILE B 86 39.98 -14.28 -9.84
CA ILE B 86 39.27 -15.45 -10.34
C ILE B 86 38.64 -15.10 -11.67
N GLY B 87 38.83 -15.99 -12.65
CA GLY B 87 38.21 -15.87 -13.96
C GLY B 87 37.10 -16.90 -14.11
N LEU B 88 35.96 -16.43 -14.59
CA LEU B 88 34.73 -17.21 -14.66
C LEU B 88 34.17 -17.16 -16.06
N ILE B 89 34.04 -18.34 -16.68
CA ILE B 89 33.31 -18.49 -17.93
C ILE B 89 32.44 -19.74 -17.79
N HIS B 90 31.43 -19.85 -18.64
CA HIS B 90 30.53 -21.00 -18.55
C HIS B 90 31.24 -22.30 -18.91
N GLY B 91 31.99 -22.30 -20.00
CA GLY B 91 32.73 -23.49 -20.37
C GLY B 91 32.43 -24.04 -21.76
N HIS B 92 31.28 -23.68 -22.34
CA HIS B 92 30.98 -24.18 -23.67
C HIS B 92 31.70 -23.43 -24.76
N GLN B 93 32.45 -22.37 -24.42
CA GLN B 93 33.27 -21.70 -25.41
C GLN B 93 34.52 -22.49 -25.78
N VAL B 94 35.05 -23.30 -24.88
CA VAL B 94 36.30 -24.00 -25.16
C VAL B 94 36.03 -25.09 -26.18
N ILE B 95 36.93 -25.23 -27.14
CA ILE B 95 36.86 -26.28 -28.15
C ILE B 95 38.16 -27.07 -28.11
N PRO B 96 38.14 -28.34 -27.69
CA PRO B 96 36.99 -29.10 -27.21
C PRO B 96 36.61 -28.74 -25.79
N TRP B 97 35.56 -29.32 -25.24
CA TRP B 97 35.20 -29.05 -23.86
C TRP B 97 36.24 -29.61 -22.90
N GLY B 98 36.59 -28.83 -21.88
CA GLY B 98 37.49 -29.31 -20.86
C GLY B 98 38.92 -29.54 -21.31
N ASP B 99 39.33 -28.95 -22.42
CA ASP B 99 40.70 -29.09 -22.89
C ASP B 99 41.63 -28.24 -22.04
N MET B 100 42.70 -28.84 -21.55
CA MET B 100 43.66 -28.10 -20.74
C MET B 100 44.36 -27.02 -21.57
N ALA B 101 44.59 -27.29 -22.85
CA ALA B 101 45.18 -26.28 -23.73
C ALA B 101 44.27 -25.07 -23.84
N SER B 102 42.96 -25.30 -24.01
CA SER B 102 42.01 -24.20 -24.13
C SER B 102 41.97 -23.38 -22.85
N LEU B 103 41.95 -24.06 -21.69
CA LEU B 103 41.92 -23.34 -20.43
C LEU B 103 43.19 -22.53 -20.22
N ALA B 104 44.34 -23.10 -20.60
CA ALA B 104 45.59 -22.36 -20.50
C ALA B 104 45.57 -21.13 -21.39
N LEU B 105 45.07 -21.27 -22.61
CA LEU B 105 44.97 -20.11 -23.49
C LEU B 105 44.04 -19.06 -22.91
N LEU B 106 42.92 -19.48 -22.33
CA LEU B 106 41.99 -18.52 -21.77
C LEU B 106 42.58 -17.80 -20.57
N GLN B 107 43.36 -18.50 -19.74
CA GLN B 107 44.00 -17.79 -18.64
C GLN B 107 45.09 -16.87 -19.15
N ARG B 108 45.72 -17.21 -20.28
CA ARG B 108 46.66 -16.29 -20.91
C ARG B 108 45.95 -15.02 -21.37
N GLN B 109 44.79 -15.16 -22.01
CA GLN B 109 44.03 -13.98 -22.41
C GLN B 109 43.58 -13.17 -21.20
N PHE B 110 43.16 -13.84 -20.14
CA PHE B 110 42.70 -13.15 -18.95
C PHE B 110 43.83 -12.66 -18.06
N ASP B 111 44.98 -13.35 -18.09
CA ASP B 111 46.06 -13.10 -17.12
C ASP B 111 45.52 -13.16 -15.70
N VAL B 112 44.85 -14.27 -15.39
CA VAL B 112 44.11 -14.42 -14.15
C VAL B 112 44.75 -15.54 -13.34
N ASP B 113 44.60 -15.45 -12.02
CA ASP B 113 45.23 -16.42 -11.13
C ASP B 113 44.58 -17.80 -11.27
N ILE B 114 43.25 -17.85 -11.20
CA ILE B 114 42.50 -19.11 -11.23
C ILE B 114 41.34 -18.95 -12.20
N LEU B 115 41.07 -20.01 -12.98
CA LEU B 115 40.03 -19.98 -14.00
C LEU B 115 38.98 -21.03 -13.68
N ILE B 116 37.70 -20.65 -13.81
CA ILE B 116 36.57 -21.54 -13.59
C ILE B 116 35.90 -21.80 -14.92
N SER B 117 35.72 -23.09 -15.25
CA SER B 117 35.10 -23.48 -16.51
C SER B 117 34.40 -24.82 -16.25
N GLY B 118 33.06 -24.82 -16.33
CA GLY B 118 32.33 -25.98 -15.89
C GLY B 118 31.28 -26.54 -16.83
N HIS B 119 31.54 -26.54 -18.13
CA HIS B 119 30.57 -27.11 -19.06
C HIS B 119 30.41 -28.61 -18.81
N THR B 120 31.51 -29.34 -18.75
CA THR B 120 31.47 -30.77 -18.49
C THR B 120 31.08 -30.97 -17.04
N HIS B 121 29.91 -31.57 -16.81
CA HIS B 121 29.35 -31.60 -15.46
C HIS B 121 30.17 -32.47 -14.52
N LYS B 122 31.11 -33.26 -15.03
CA LYS B 122 31.97 -34.05 -14.15
C LYS B 122 32.98 -33.14 -13.47
N PHE B 123 33.03 -33.22 -12.14
CA PHE B 123 33.87 -32.33 -11.36
C PHE B 123 35.34 -32.53 -11.66
N GLU B 124 36.08 -31.42 -11.70
CA GLU B 124 37.51 -31.48 -11.95
C GLU B 124 38.21 -30.50 -11.03
N ALA B 125 39.46 -30.80 -10.72
CA ALA B 125 40.28 -29.91 -9.90
C ALA B 125 41.73 -30.26 -10.14
N PHE B 126 42.49 -29.33 -10.73
CA PHE B 126 43.86 -29.67 -11.08
C PHE B 126 44.71 -28.41 -11.15
N GLU B 127 46.01 -28.59 -10.94
CA GLU B 127 47.00 -27.53 -11.04
C GLU B 127 47.94 -27.85 -12.20
N HIS B 128 48.14 -26.86 -13.06
CA HIS B 128 49.02 -27.00 -14.22
C HIS B 128 49.72 -25.68 -14.47
N GLU B 129 51.04 -25.73 -14.57
CA GLU B 129 51.87 -24.54 -14.78
C GLU B 129 51.59 -23.48 -13.72
N ASN B 130 51.55 -23.93 -12.47
CA ASN B 130 51.33 -23.06 -11.32
C ASN B 130 50.02 -22.30 -11.45
N LYS B 131 49.04 -22.93 -12.09
CA LYS B 131 47.71 -22.37 -12.29
C LYS B 131 46.68 -23.32 -11.70
N PHE B 132 45.63 -22.77 -11.11
CA PHE B 132 44.59 -23.52 -10.43
C PHE B 132 43.38 -23.62 -11.33
N TYR B 133 42.74 -24.79 -11.37
CA TYR B 133 41.60 -25.00 -12.23
C TYR B 133 40.55 -25.82 -11.50
N ILE B 134 39.32 -25.31 -11.45
CA ILE B 134 38.20 -25.95 -10.79
C ILE B 134 37.02 -26.03 -11.75
N ASN B 135 36.45 -27.22 -11.88
CA ASN B 135 35.20 -27.46 -12.61
C ASN B 135 34.21 -28.01 -11.60
N PRO B 136 33.37 -27.17 -10.99
CA PRO B 136 32.49 -27.66 -9.92
C PRO B 136 31.51 -28.73 -10.34
N GLY B 137 31.00 -28.68 -11.55
CA GLY B 137 29.95 -29.59 -11.96
C GLY B 137 28.57 -29.06 -11.60
N SER B 138 27.57 -29.86 -11.92
CA SER B 138 26.18 -29.45 -11.77
C SER B 138 25.75 -29.59 -10.33
N ALA B 139 25.32 -28.49 -9.72
CA ALA B 139 24.80 -28.54 -8.35
C ALA B 139 23.56 -29.41 -8.28
N THR B 140 22.69 -29.30 -9.27
CA THR B 140 21.47 -30.11 -9.33
C THR B 140 21.70 -31.42 -10.07
N GLY B 141 22.91 -31.68 -10.55
CA GLY B 141 23.15 -32.89 -11.30
C GLY B 141 22.41 -32.96 -12.62
N ALA B 142 22.36 -31.84 -13.34
CA ALA B 142 21.70 -31.83 -14.64
C ALA B 142 22.45 -32.73 -15.62
N TYR B 143 21.69 -33.43 -16.45
CA TYR B 143 22.27 -34.40 -17.36
C TYR B 143 23.11 -33.73 -18.43
N ASN B 144 24.10 -34.47 -18.92
CA ASN B 144 24.92 -34.02 -20.05
C ASN B 144 25.31 -35.25 -20.86
N ALA B 145 25.55 -35.02 -22.15
CA ALA B 145 25.85 -36.12 -23.05
C ALA B 145 27.22 -36.73 -22.81
N LEU B 146 28.08 -36.07 -22.02
CA LEU B 146 29.47 -36.50 -21.86
C LEU B 146 29.67 -37.48 -20.72
N GLU B 147 28.63 -37.80 -19.95
CA GLU B 147 28.77 -38.70 -18.81
C GLU B 147 27.54 -39.58 -18.70
N THR B 148 27.71 -40.72 -18.02
CA THR B 148 26.61 -41.63 -17.77
C THR B 148 25.95 -41.35 -16.43
N ASN B 149 26.74 -41.27 -15.37
CA ASN B 149 26.25 -40.93 -14.04
C ASN B 149 26.81 -39.58 -13.64
N ILE B 150 25.93 -38.67 -13.21
CA ILE B 150 26.31 -37.33 -12.80
C ILE B 150 25.99 -37.19 -11.31
N ILE B 151 27.00 -36.90 -10.51
CA ILE B 151 26.86 -36.71 -9.08
C ILE B 151 26.76 -35.21 -8.81
N PRO B 152 25.74 -34.74 -8.08
CA PRO B 152 25.67 -33.32 -7.77
C PRO B 152 26.88 -32.88 -6.96
N SER B 153 27.39 -31.69 -7.27
CA SER B 153 28.59 -31.21 -6.61
C SER B 153 28.62 -29.69 -6.66
N PHE B 154 29.29 -29.10 -5.68
CA PHE B 154 29.53 -27.67 -5.64
C PHE B 154 30.74 -27.38 -4.76
N VAL B 155 31.52 -26.39 -5.18
CA VAL B 155 32.84 -26.15 -4.60
C VAL B 155 32.76 -24.94 -3.68
N LEU B 156 33.62 -24.90 -2.68
CA LEU B 156 33.70 -23.77 -1.76
C LEU B 156 35.14 -23.31 -1.68
N MET B 157 35.40 -22.12 -2.20
CA MET B 157 36.67 -21.43 -1.99
C MET B 157 36.76 -20.97 -0.55
N ASP B 158 37.93 -21.17 0.06
CA ASP B 158 38.28 -20.48 1.30
C ASP B 158 39.64 -19.83 1.06
N ILE B 159 39.66 -18.51 1.02
CA ILE B 159 40.83 -17.74 0.63
C ILE B 159 41.35 -17.00 1.85
N GLN B 160 42.64 -17.20 2.15
CA GLN B 160 43.29 -16.52 3.27
C GLN B 160 44.68 -16.10 2.79
N ALA B 161 44.87 -14.80 2.60
CA ALA B 161 46.15 -14.24 2.14
C ALA B 161 46.57 -14.86 0.82
N SER B 162 47.42 -15.90 0.87
CA SER B 162 47.93 -16.54 -0.33
C SER B 162 47.64 -18.03 -0.37
N THR B 163 46.81 -18.54 0.55
CA THR B 163 46.45 -19.95 0.59
C THR B 163 44.95 -20.10 0.36
N VAL B 164 44.58 -20.96 -0.58
CA VAL B 164 43.18 -21.25 -0.89
C VAL B 164 42.94 -22.72 -0.62
N VAL B 165 42.04 -23.01 0.30
CA VAL B 165 41.60 -24.37 0.56
C VAL B 165 40.21 -24.53 -0.03
N THR B 166 40.04 -25.54 -0.87
CA THR B 166 38.83 -25.76 -1.63
C THR B 166 38.12 -26.98 -1.06
N TYR B 167 36.91 -26.78 -0.58
CA TYR B 167 36.09 -27.84 -0.03
C TYR B 167 34.98 -28.15 -1.02
N VAL B 168 35.01 -29.33 -1.62
CA VAL B 168 34.05 -29.70 -2.65
C VAL B 168 33.04 -30.65 -2.02
N TYR B 169 31.77 -30.32 -2.19
CA TYR B 169 30.66 -31.09 -1.62
C TYR B 169 30.01 -31.85 -2.76
N GLN B 170 30.07 -33.18 -2.70
CA GLN B 170 29.46 -34.03 -3.71
C GLN B 170 28.48 -34.97 -3.05
N LEU B 171 27.26 -35.01 -3.56
CA LEU B 171 26.24 -35.91 -3.05
C LEU B 171 26.27 -37.22 -3.84
N ILE B 172 26.68 -38.29 -3.19
CA ILE B 172 26.72 -39.62 -3.81
C ILE B 172 25.69 -40.49 -3.10
N GLY B 173 24.79 -41.08 -3.88
CA GLY B 173 23.68 -41.81 -3.31
C GLY B 173 22.83 -40.91 -2.44
N ASP B 174 22.93 -41.09 -1.13
CA ASP B 174 22.27 -40.22 -0.17
C ASP B 174 23.23 -39.64 0.87
N ASP B 175 24.52 -39.55 0.54
CA ASP B 175 25.54 -39.10 1.48
C ASP B 175 26.28 -37.91 0.89
N VAL B 176 26.51 -36.88 1.70
CA VAL B 176 27.17 -35.66 1.23
C VAL B 176 28.65 -35.78 1.59
N LYS B 177 29.40 -36.40 0.68
CA LYS B 177 30.83 -36.47 0.86
C LYS B 177 31.45 -35.11 0.64
N VAL B 178 32.50 -34.81 1.39
CA VAL B 178 33.23 -33.56 1.28
C VAL B 178 34.70 -33.87 1.11
N GLU B 179 35.36 -33.14 0.22
CA GLU B 179 36.75 -33.39 -0.11
C GLU B 179 37.51 -32.07 -0.03
N ARG B 180 38.80 -32.18 0.30
CA ARG B 180 39.66 -31.01 0.48
C ARG B 180 40.79 -31.01 -0.52
N ILE B 181 41.06 -29.83 -1.09
CA ILE B 181 42.22 -29.61 -1.94
C ILE B 181 42.86 -28.29 -1.52
N GLU B 182 44.18 -28.18 -1.72
CA GLU B 182 44.93 -27.03 -1.26
C GLU B 182 45.67 -26.38 -2.42
N TYR B 183 45.74 -25.05 -2.40
CA TYR B 183 46.46 -24.29 -3.41
C TYR B 183 47.21 -23.15 -2.73
N LYS B 184 48.45 -22.91 -3.19
CA LYS B 184 49.27 -21.85 -2.64
C LYS B 184 49.92 -21.08 -3.78
N LYS B 185 49.83 -19.76 -3.73
CA LYS B 185 50.41 -18.93 -4.76
C LYS B 185 51.93 -18.92 -4.64
N PRO B 186 52.67 -19.30 -5.70
CA PRO B 186 54.13 -19.30 -5.69
C PRO B 186 54.73 -17.90 -5.53
N THR C 3 5.37 60.01 13.37
CA THR C 3 4.28 60.90 13.70
C THR C 3 2.99 60.13 13.95
N ALA C 4 3.00 59.28 14.96
CA ALA C 4 1.83 58.49 15.32
C ALA C 4 1.89 58.17 16.81
N LEU C 5 0.72 58.15 17.45
CA LEU C 5 0.61 57.88 18.88
C LEU C 5 -0.09 56.55 19.11
N ASP C 6 0.13 55.99 20.31
CA ASP C 6 -0.57 54.80 20.75
C ASP C 6 -0.48 54.73 22.27
N ILE C 7 -1.50 54.13 22.87
CA ILE C 7 -1.56 53.92 24.30
C ILE C 7 -1.56 52.42 24.56
N LYS C 8 -0.67 51.96 25.44
CA LYS C 8 -0.59 50.56 25.81
C LYS C 8 -0.84 50.44 27.30
N ILE C 9 -2.00 49.94 27.67
CA ILE C 9 -2.33 49.69 29.06
C ILE C 9 -1.64 48.41 29.50
N LYS C 10 -1.12 48.41 30.72
CA LYS C 10 -0.24 47.32 31.18
C LYS C 10 -0.97 45.99 31.16
N ARG C 11 -2.20 45.94 31.66
CA ARG C 11 -2.95 44.69 31.71
C ARG C 11 -3.52 44.37 30.34
N ALA C 12 -3.37 43.11 29.91
CA ALA C 12 -3.89 42.70 28.61
C ALA C 12 -5.40 42.80 28.58
N ASN C 13 -6.08 42.37 29.65
CA ASN C 13 -7.52 42.43 29.71
C ASN C 13 -8.07 43.83 29.99
N LYS C 14 -7.21 44.75 30.41
CA LYS C 14 -7.58 46.16 30.59
C LYS C 14 -8.76 46.32 31.56
N VAL C 15 -8.72 45.58 32.66
CA VAL C 15 -9.71 45.73 33.73
C VAL C 15 -9.00 46.23 34.97
N TYR C 16 -9.64 47.16 35.67
CA TYR C 16 -9.06 47.79 36.84
C TYR C 16 -10.17 48.08 37.84
N HIS C 17 -9.91 47.77 39.11
CA HIS C 17 -10.94 47.84 40.12
C HIS C 17 -10.95 49.23 40.76
N ALA C 18 -11.84 49.40 41.74
CA ALA C 18 -12.18 50.74 42.22
C ALA C 18 -11.05 51.41 42.98
N GLY C 19 -9.97 50.70 43.29
CA GLY C 19 -8.92 51.28 44.09
C GLY C 19 -7.51 51.06 43.56
N GLU C 20 -7.38 50.30 42.48
CA GLU C 20 -6.07 49.96 41.95
C GLU C 20 -5.46 51.17 41.23
N VAL C 21 -4.30 50.93 40.60
CA VAL C 21 -3.54 51.97 39.92
C VAL C 21 -3.51 51.66 38.43
N LEU C 22 -3.86 52.66 37.61
CA LEU C 22 -3.88 52.52 36.16
C LEU C 22 -2.50 52.89 35.62
N SER C 23 -1.74 51.89 35.20
CA SER C 23 -0.38 52.09 34.73
C SER C 23 -0.25 51.64 33.29
N GLY C 24 0.59 52.34 32.52
CA GLY C 24 0.79 51.98 31.13
C GLY C 24 1.91 52.78 30.51
N VAL C 25 2.04 52.64 29.19
CA VAL C 25 3.08 53.31 28.42
C VAL C 25 2.46 53.95 27.18
N VAL C 26 2.81 55.20 26.92
CA VAL C 26 2.44 55.88 25.68
C VAL C 26 3.60 55.76 24.71
N VAL C 27 3.31 55.31 23.49
CA VAL C 27 4.30 55.08 22.45
C VAL C 27 4.09 56.09 21.33
N ILE C 28 5.16 56.78 20.95
CA ILE C 28 5.14 57.76 19.87
C ILE C 28 6.11 57.29 18.79
N SER C 29 5.62 57.17 17.57
CA SER C 29 6.42 56.75 16.42
C SER C 29 7.13 55.42 16.67
N GLY C 38 5.11 68.88 22.82
CA GLY C 38 4.43 68.54 24.07
C GLY C 38 3.24 67.62 23.86
N VAL C 39 2.98 66.77 24.83
CA VAL C 39 1.88 65.81 24.74
C VAL C 39 1.31 65.57 26.14
N SER C 40 -0.01 65.47 26.21
CA SER C 40 -0.72 65.27 27.46
C SER C 40 -1.67 64.09 27.33
N LEU C 41 -2.21 63.67 28.48
CA LEU C 41 -3.08 62.51 28.57
C LEU C 41 -4.15 62.74 29.63
N THR C 42 -5.39 62.42 29.29
CA THR C 42 -6.52 62.67 30.16
C THR C 42 -7.33 61.39 30.35
N MET C 43 -7.64 61.07 31.60
CA MET C 43 -8.43 59.90 31.96
C MET C 43 -9.81 60.37 32.40
N GLU C 44 -10.83 60.08 31.60
CA GLU C 44 -12.18 60.56 31.86
C GLU C 44 -13.16 59.40 31.85
N GLY C 45 -13.99 59.32 32.88
CA GLY C 45 -15.07 58.35 32.95
C GLY C 45 -16.40 59.08 32.94
N THR C 46 -17.30 58.63 32.07
CA THR C 46 -18.57 59.31 31.87
C THR C 46 -19.73 58.31 31.96
N VAL C 47 -20.88 58.82 32.38
CA VAL C 47 -22.15 58.11 32.34
C VAL C 47 -23.04 58.88 31.39
N ASN C 48 -23.11 58.45 30.14
CA ASN C 48 -23.94 59.09 29.14
C ASN C 48 -25.34 58.49 29.22
N LEU C 49 -26.33 59.33 29.51
CA LEU C 49 -27.73 58.94 29.56
C LEU C 49 -28.44 59.60 28.39
N GLN C 50 -29.11 58.80 27.57
CA GLN C 50 -29.82 59.29 26.41
C GLN C 50 -31.30 59.42 26.72
N LEU C 51 -31.85 60.61 26.52
CA LEU C 51 -33.28 60.82 26.70
C LEU C 51 -34.05 59.98 25.69
N SER C 52 -35.21 59.49 26.12
CA SER C 52 -36.01 58.57 25.32
C SER C 52 -37.43 59.11 25.19
N ALA C 53 -38.29 58.30 24.58
CA ALA C 53 -39.71 58.64 24.53
C ALA C 53 -40.27 58.67 25.94
N LYS C 54 -41.01 59.74 26.25
CA LYS C 54 -41.49 59.96 27.60
C LYS C 54 -42.40 58.83 28.05
N SER C 55 -42.22 58.39 29.30
CA SER C 55 -43.04 57.32 29.87
C SER C 55 -44.01 57.80 30.92
N VAL C 56 -43.66 58.82 31.70
CA VAL C 56 -44.55 59.36 32.72
C VAL C 56 -44.79 60.84 32.48
N ALA C 61 -43.09 66.40 34.35
CA ALA C 61 -42.27 67.60 34.15
C ALA C 61 -41.09 67.30 33.23
N PHE C 62 -41.24 66.25 32.43
CA PHE C 62 -40.23 65.80 31.47
C PHE C 62 -38.92 65.39 32.12
N TYR C 63 -38.88 65.33 33.46
CA TYR C 63 -37.74 64.82 34.22
C TYR C 63 -36.41 65.29 33.66
N ASN C 64 -36.28 66.61 33.48
CA ASN C 64 -35.08 67.17 32.85
C ASN C 64 -33.90 67.18 33.84
N SER C 65 -33.62 65.99 34.36
CA SER C 65 -32.42 65.73 35.15
C SER C 65 -31.56 64.65 34.53
N VAL C 66 -31.89 64.21 33.32
CA VAL C 66 -31.15 63.15 32.63
C VAL C 66 -30.02 63.83 31.87
N LYS C 67 -28.89 63.99 32.55
CA LYS C 67 -27.72 64.69 32.03
C LYS C 67 -26.48 63.86 32.28
N PRO C 68 -25.41 64.09 31.52
CA PRO C 68 -24.18 63.31 31.73
C PRO C 68 -23.62 63.49 33.14
N ILE C 69 -23.07 62.42 33.67
CA ILE C 69 -22.48 62.40 35.00
C ILE C 69 -21.00 62.07 34.84
N GLN C 70 -20.14 62.92 35.37
CA GLN C 70 -18.70 62.71 35.29
C GLN C 70 -18.26 61.84 36.46
N ILE C 71 -17.73 60.66 36.16
CA ILE C 71 -17.26 59.78 37.21
C ILE C 71 -15.88 60.22 37.70
N ILE C 72 -14.93 60.34 36.79
CA ILE C 72 -13.55 60.64 37.16
C ILE C 72 -12.97 61.59 36.12
N ASN C 73 -12.17 62.55 36.58
CA ASN C 73 -11.49 63.49 35.70
C ASN C 73 -10.07 63.67 36.22
N SER C 74 -9.08 63.31 35.41
CA SER C 74 -7.68 63.39 35.80
C SER C 74 -6.84 63.64 34.56
N THR C 75 -6.07 64.73 34.58
CA THR C 75 -5.20 65.12 33.48
C THR C 75 -3.77 65.19 33.96
N ILE C 76 -2.86 64.68 33.14
CA ILE C 76 -1.43 64.69 33.44
C ILE C 76 -0.70 65.34 32.27
N GLU C 77 0.09 66.37 32.56
CA GLU C 77 1.00 66.95 31.58
C GLU C 77 2.21 66.04 31.49
N MET C 78 2.37 65.33 30.37
CA MET C 78 3.29 64.22 30.30
C MET C 78 4.62 64.57 29.64
N VAL C 79 4.62 65.30 28.52
CA VAL C 79 5.86 65.78 27.92
C VAL C 79 5.72 67.27 27.65
N LYS C 80 6.62 68.06 28.23
CA LYS C 80 6.66 69.49 27.94
C LYS C 80 7.21 69.72 26.54
N PRO C 81 6.70 70.75 25.83
CA PRO C 81 7.08 71.12 24.46
C PRO C 81 8.59 71.09 24.22
N SER C 86 12.20 61.59 14.79
CA SER C 86 13.18 61.07 15.74
C SER C 86 13.23 59.54 15.67
N GLY C 87 12.60 58.88 16.64
CA GLY C 87 12.55 57.44 16.67
C GLY C 87 11.43 56.96 17.56
N LYS C 88 11.31 55.64 17.67
CA LYS C 88 10.29 55.02 18.51
C LYS C 88 10.52 55.38 19.97
N THR C 89 9.64 56.19 20.55
CA THR C 89 9.78 56.68 21.91
C THR C 89 8.68 56.11 22.78
N GLU C 90 9.03 55.74 24.01
CA GLU C 90 8.09 55.23 24.99
C GLU C 90 8.18 56.05 26.26
N ILE C 91 7.04 56.34 26.87
CA ILE C 91 7.02 57.06 28.14
C ILE C 91 5.99 56.45 29.08
N PRO C 92 6.36 56.15 30.32
CA PRO C 92 5.41 55.55 31.26
C PRO C 92 4.43 56.59 31.81
N PHE C 93 3.30 56.09 32.31
CA PHE C 93 2.34 56.93 33.00
C PHE C 93 1.53 56.07 33.97
N GLU C 94 0.92 56.75 34.95
CA GLU C 94 0.12 56.11 35.98
C GLU C 94 -0.87 57.11 36.55
N PHE C 95 -2.06 56.61 36.89
CA PHE C 95 -3.10 57.33 37.59
C PHE C 95 -3.57 56.55 38.81
N PRO C 96 -3.99 57.23 39.86
CA PRO C 96 -4.71 56.55 40.94
C PRO C 96 -6.21 56.56 40.70
N LEU C 97 -6.84 55.39 40.77
CA LEU C 97 -8.29 55.27 40.60
C LEU C 97 -8.95 55.46 41.95
N HIS C 98 -9.14 56.71 42.33
CA HIS C 98 -9.77 57.07 43.58
C HIS C 98 -10.84 58.11 43.34
N LEU C 99 -11.93 58.04 44.10
CA LEU C 99 -13.03 58.99 43.98
C LEU C 99 -13.49 59.37 45.39
N LYS C 100 -13.01 60.51 45.87
CA LYS C 100 -13.30 61.06 47.20
C LYS C 100 -13.50 59.98 48.25
N GLY C 101 -14.64 60.00 48.94
CA GLY C 101 -14.90 59.02 49.98
C GLY C 101 -16.19 58.26 49.80
N ASN C 102 -17.09 58.77 48.96
CA ASN C 102 -18.40 58.15 48.78
C ASN C 102 -18.81 57.97 47.33
N LYS C 103 -18.06 58.50 46.36
CA LYS C 103 -18.39 58.36 44.96
C LYS C 103 -17.85 57.03 44.45
N VAL C 104 -18.75 56.16 43.99
CA VAL C 104 -18.40 54.82 43.56
C VAL C 104 -18.09 54.83 42.07
N LEU C 105 -17.10 54.02 41.68
CA LEU C 105 -16.76 53.83 40.28
C LEU C 105 -17.72 52.82 39.68
N TYR C 106 -18.59 53.27 38.79
CA TYR C 106 -19.60 52.41 38.22
C TYR C 106 -18.97 51.37 37.29
N GLU C 107 -19.65 50.24 37.16
CA GLU C 107 -19.22 49.20 36.24
C GLU C 107 -19.30 49.69 34.81
N THR C 108 -18.32 49.32 34.00
CA THR C 108 -18.37 49.59 32.57
C THR C 108 -19.59 48.91 31.96
N TYR C 109 -20.36 49.66 31.18
CA TYR C 109 -21.62 49.15 30.66
C TYR C 109 -21.90 49.81 29.31
N HIS C 110 -21.80 49.02 28.24
CA HIS C 110 -22.11 49.51 26.89
C HIS C 110 -23.58 49.28 26.59
N GLY C 111 -24.42 50.08 27.26
CA GLY C 111 -25.85 50.00 27.08
C GLY C 111 -26.30 50.79 25.88
N VAL C 112 -27.62 50.91 25.74
CA VAL C 112 -28.25 51.64 24.65
C VAL C 112 -28.65 53.04 25.07
N PHE C 113 -29.25 53.17 26.26
CA PHE C 113 -29.64 54.47 26.79
C PHE C 113 -28.81 54.89 28.01
N VAL C 114 -28.13 53.95 28.65
CA VAL C 114 -27.21 54.25 29.75
C VAL C 114 -25.88 53.63 29.37
N ASN C 115 -24.84 54.45 29.20
CA ASN C 115 -23.54 53.99 28.73
C ASN C 115 -22.48 54.54 29.68
N ILE C 116 -21.83 53.64 30.43
CA ILE C 116 -20.80 54.02 31.38
C ILE C 116 -19.46 53.63 30.79
N GLN C 117 -18.63 54.61 30.46
CA GLN C 117 -17.38 54.34 29.77
C GLN C 117 -16.22 55.12 30.37
N TYR C 118 -15.09 54.45 30.53
CA TYR C 118 -13.84 55.06 30.97
C TYR C 118 -12.85 55.07 29.81
N THR C 119 -12.28 56.23 29.51
CA THR C 119 -11.40 56.37 28.36
C THR C 119 -10.17 57.19 28.72
N LEU C 120 -9.03 56.78 28.17
CA LEU C 120 -7.81 57.57 28.16
C LEU C 120 -7.68 58.24 26.80
N ARG C 121 -7.31 59.52 26.79
CA ARG C 121 -7.17 60.29 25.57
C ARG C 121 -5.81 60.95 25.58
N CYS C 122 -4.95 60.57 24.64
CA CYS C 122 -3.61 61.13 24.50
C CYS C 122 -3.60 62.10 23.33
N ASP C 123 -3.17 63.34 23.59
CA ASP C 123 -3.14 64.38 22.57
C ASP C 123 -1.80 65.09 22.58
N MET C 124 -1.18 65.19 21.40
CA MET C 124 0.09 65.86 21.22
C MET C 124 -0.12 67.10 20.35
N LYS C 125 0.42 68.23 20.81
CA LYS C 125 0.29 69.50 20.10
C LYS C 125 1.29 69.61 18.97
N ARG C 126 0.89 70.33 17.92
CA ARG C 126 1.79 70.66 16.82
C ARG C 126 1.38 72.02 16.26
N SER C 127 2.35 72.74 15.72
CA SER C 127 2.10 74.06 15.16
C SER C 127 1.85 73.98 13.67
N ASP C 132 -2.72 68.63 16.17
CA ASP C 132 -2.69 67.86 17.41
C ASP C 132 -3.18 66.43 17.17
N LEU C 133 -2.28 65.46 17.36
CA LEU C 133 -2.62 64.06 17.15
C LEU C 133 -3.21 63.48 18.42
N THR C 134 -4.38 62.87 18.31
CA THR C 134 -5.09 62.34 19.48
C THR C 134 -5.48 60.90 19.23
N LYS C 135 -5.50 60.12 20.32
CA LYS C 135 -6.02 58.76 20.30
C LYS C 135 -6.69 58.44 21.62
N THR C 136 -7.82 57.74 21.54
CA THR C 136 -8.61 57.35 22.69
C THR C 136 -8.64 55.84 22.82
N CYS C 137 -8.30 55.33 24.00
CA CYS C 137 -8.36 53.91 24.31
C CYS C 137 -9.20 53.70 25.55
N GLU C 138 -10.11 52.72 25.51
CA GLU C 138 -11.02 52.46 26.61
C GLU C 138 -10.48 51.37 27.51
N PHE C 139 -10.55 51.61 28.82
CA PHE C 139 -10.17 50.62 29.81
C PHE C 139 -11.38 50.30 30.68
N ILE C 140 -11.55 49.03 31.01
CA ILE C 140 -12.73 48.54 31.70
C ILE C 140 -12.52 48.64 33.20
N VAL C 141 -13.57 48.99 33.93
CA VAL C 141 -13.56 49.05 35.38
C VAL C 141 -14.61 48.09 35.92
N HIS C 142 -14.20 47.23 36.85
CA HIS C 142 -15.07 46.22 37.42
C HIS C 142 -15.52 46.62 38.82
N SER C 143 -16.80 46.44 39.09
CA SER C 143 -17.36 46.77 40.40
C SER C 143 -16.78 45.84 41.47
N ALA C 144 -16.64 46.38 42.67
CA ALA C 144 -16.07 45.61 43.76
C ALA C 144 -17.00 44.46 44.12
N PRO C 145 -16.45 43.30 44.49
CA PRO C 145 -17.30 42.16 44.87
C PRO C 145 -18.19 42.51 46.05
N GLN C 146 -19.40 41.96 46.06
CA GLN C 146 -20.37 42.25 47.09
C GLN C 146 -19.83 41.83 48.46
N LYS C 147 -20.47 42.34 49.52
CA LYS C 147 -20.09 41.97 50.87
C LYS C 147 -20.08 40.45 51.04
N GLY C 148 -21.09 39.79 50.49
CA GLY C 148 -21.06 38.35 50.29
C GLY C 148 -21.88 37.53 51.25
N LYS C 149 -23.11 37.22 50.84
CA LYS C 149 -23.91 36.15 51.39
C LYS C 149 -24.66 35.48 50.25
N PHE C 150 -23.95 35.24 49.14
CA PHE C 150 -24.55 34.82 47.89
C PHE C 150 -25.48 33.64 48.09
N THR C 151 -26.77 33.88 47.84
CA THR C 151 -27.79 32.84 47.96
C THR C 151 -28.49 32.66 46.62
N PRO C 152 -28.25 31.54 45.94
CA PRO C 152 -28.96 31.28 44.69
C PRO C 152 -30.46 31.17 44.93
N SER C 153 -31.23 31.60 43.94
CA SER C 153 -32.67 31.60 44.07
C SER C 153 -33.28 30.77 42.95
N PRO C 154 -33.26 29.44 43.06
CA PRO C 154 -33.79 28.60 41.98
C PRO C 154 -35.27 28.88 41.73
N VAL C 155 -35.65 28.83 40.46
CA VAL C 155 -37.02 29.14 40.06
C VAL C 155 -37.54 28.03 39.19
N ASP C 156 -38.73 27.53 39.51
CA ASP C 156 -39.40 26.53 38.69
C ASP C 156 -40.54 27.19 37.94
N PHE C 157 -40.72 26.80 36.68
CA PHE C 157 -41.72 27.45 35.85
C PHE C 157 -42.36 26.43 34.92
N THR C 158 -43.56 26.76 34.47
CA THR C 158 -44.35 25.92 33.56
C THR C 158 -44.87 26.82 32.44
N ILE C 159 -44.28 26.68 31.25
CA ILE C 159 -44.77 27.38 30.07
C ILE C 159 -45.97 26.60 29.53
N THR C 160 -47.14 27.21 29.60
CA THR C 160 -48.42 26.64 29.20
C THR C 160 -49.15 27.67 28.34
N PRO C 161 -50.25 27.28 27.69
CA PRO C 161 -51.06 28.30 27.00
C PRO C 161 -51.61 29.36 27.94
N GLU C 162 -51.68 29.07 29.23
CA GLU C 162 -52.05 30.07 30.23
C GLU C 162 -50.84 30.88 30.67
N THR C 163 -50.08 31.39 29.69
CA THR C 163 -48.94 32.25 29.96
C THR C 163 -49.01 33.49 29.07
N LEU C 164 -49.69 33.36 27.92
CA LEU C 164 -49.87 34.48 27.02
C LEU C 164 -50.94 35.40 27.57
N GLN C 165 -50.63 36.70 27.64
CA GLN C 165 -51.50 37.66 28.33
C GLN C 165 -52.59 38.19 27.42
N ASN C 166 -53.35 37.29 26.79
CA ASN C 166 -54.49 37.68 25.97
C ASN C 166 -55.39 36.47 25.80
N VAL C 167 -56.62 36.56 26.32
CA VAL C 167 -57.57 35.46 26.18
C VAL C 167 -58.01 35.32 24.72
N LYS C 168 -57.95 36.39 23.94
CA LYS C 168 -58.38 36.33 22.56
C LYS C 168 -57.44 35.45 21.72
N GLU C 169 -56.13 35.66 21.87
CA GLU C 169 -55.17 34.87 21.10
C GLU C 169 -55.01 33.47 21.66
N ARG C 170 -55.18 33.30 22.98
CA ARG C 170 -54.93 32.01 23.63
C ARG C 170 -55.76 30.88 23.04
N ALA C 171 -56.92 31.17 22.46
CA ALA C 171 -57.76 30.13 21.89
C ALA C 171 -57.05 29.41 20.75
N LEU C 172 -56.36 30.15 19.90
CA LEU C 172 -55.69 29.54 18.75
C LEU C 172 -54.43 28.79 19.13
N LEU C 173 -53.94 28.96 20.36
CA LEU C 173 -52.74 28.27 20.79
C LEU C 173 -52.98 26.76 20.87
N PRO C 174 -52.12 25.93 20.29
CA PRO C 174 -52.19 24.50 20.53
C PRO C 174 -51.85 24.18 21.97
N LYS C 175 -52.41 23.07 22.46
CA LYS C 175 -52.16 22.67 23.83
C LYS C 175 -50.71 22.22 24.00
N PHE C 176 -49.97 22.91 24.87
CA PHE C 176 -48.59 22.54 25.13
C PHE C 176 -48.31 22.68 26.63
N LEU C 177 -47.20 22.08 27.04
CA LEU C 177 -46.80 22.09 28.45
C LEU C 177 -45.30 21.83 28.50
N LEU C 178 -44.56 22.83 28.95
CA LEU C 178 -43.11 22.75 29.15
C LEU C 178 -42.81 23.04 30.60
N ARG C 179 -41.92 22.26 31.20
CA ARG C 179 -41.52 22.43 32.58
C ARG C 179 -40.04 22.73 32.65
N GLY C 180 -39.66 23.69 33.49
CA GLY C 180 -38.26 24.08 33.55
C GLY C 180 -37.85 24.56 34.92
N HIS C 181 -36.53 24.59 35.12
CA HIS C 181 -35.96 24.92 36.42
C HIS C 181 -34.68 25.72 36.20
N LEU C 182 -34.75 27.02 36.43
CA LEU C 182 -33.56 27.87 36.44
C LEU C 182 -32.83 27.68 37.76
N ASN C 183 -31.52 27.42 37.68
CA ASN C 183 -30.73 27.17 38.88
C ASN C 183 -30.71 28.38 39.80
N SER C 184 -30.64 29.58 39.23
CA SER C 184 -30.63 30.79 40.05
C SER C 184 -30.97 31.99 39.17
N THR C 185 -31.95 32.77 39.59
CA THR C 185 -32.16 34.08 39.01
C THR C 185 -31.23 35.13 39.58
N ASN C 186 -30.57 34.85 40.70
CA ASN C 186 -29.51 35.67 41.25
C ASN C 186 -28.20 35.08 40.73
N CYS C 187 -27.72 35.60 39.60
CA CYS C 187 -26.61 35.01 38.88
C CYS C 187 -25.32 35.79 39.13
N VAL C 188 -24.23 35.06 39.31
CA VAL C 188 -22.90 35.67 39.29
C VAL C 188 -22.54 35.95 37.84
N ILE C 189 -22.12 37.18 37.56
CA ILE C 189 -21.94 37.61 36.17
C ILE C 189 -20.82 36.82 35.51
N THR C 190 -19.86 36.31 36.29
CA THR C 190 -18.82 35.48 35.72
C THR C 190 -19.26 34.04 35.53
N GLN C 191 -20.36 33.65 36.14
CA GLN C 191 -20.86 32.29 36.00
C GLN C 191 -22.05 32.26 35.03
N PRO C 192 -22.15 31.23 34.22
CA PRO C 192 -23.23 31.17 33.22
C PRO C 192 -24.57 30.86 33.86
N LEU C 193 -25.62 31.25 33.14
CA LEU C 193 -26.98 30.89 33.53
C LEU C 193 -27.24 29.45 33.12
N THR C 194 -27.54 28.60 34.10
CA THR C 194 -27.71 27.18 33.89
C THR C 194 -29.09 26.74 34.36
N GLY C 195 -29.67 25.79 33.65
CA GLY C 195 -30.98 25.28 34.01
C GLY C 195 -31.37 24.14 33.09
N GLU C 196 -32.60 23.68 33.26
CA GLU C 196 -33.14 22.62 32.41
C GLU C 196 -34.54 22.99 31.95
N LEU C 197 -34.89 22.53 30.76
CA LEU C 197 -36.22 22.74 30.19
C LEU C 197 -36.71 21.43 29.60
N VAL C 198 -37.86 20.95 30.07
CA VAL C 198 -38.41 19.68 29.62
C VAL C 198 -39.72 19.97 28.90
N VAL C 199 -39.79 19.61 27.62
CA VAL C 199 -41.02 19.74 26.87
C VAL C 199 -41.89 18.54 27.21
N GLU C 200 -42.76 18.70 28.21
CA GLU C 200 -43.55 17.57 28.67
C GLU C 200 -44.51 17.09 27.58
N SER C 201 -45.21 18.01 26.92
CA SER C 201 -46.09 17.61 25.82
C SER C 201 -46.52 18.78 24.98
N SER C 202 -46.28 18.72 23.67
CA SER C 202 -46.69 19.77 22.75
C SER C 202 -47.47 19.15 21.60
N GLU C 203 -48.70 19.63 21.39
CA GLU C 203 -49.50 19.15 20.27
C GLU C 203 -48.87 19.53 18.93
N ALA C 204 -48.37 20.75 18.83
CA ALA C 204 -47.70 21.23 17.63
C ALA C 204 -46.20 21.08 17.77
N ALA C 205 -45.54 20.85 16.63
CA ALA C 205 -44.09 20.70 16.63
C ALA C 205 -43.41 21.99 17.07
N ILE C 206 -42.40 21.86 17.92
CA ILE C 206 -41.68 23.01 18.44
C ILE C 206 -40.59 23.37 17.44
N ARG C 207 -40.69 24.55 16.84
CA ARG C 207 -39.70 24.96 15.85
C ARG C 207 -38.41 25.40 16.52
N SER C 208 -38.50 26.16 17.62
CA SER C 208 -37.30 26.69 18.26
C SER C 208 -37.65 27.18 19.65
N VAL C 209 -36.75 26.93 20.59
CA VAL C 209 -36.80 27.49 21.94
C VAL C 209 -35.48 28.22 22.16
N GLU C 210 -35.55 29.51 22.47
CA GLU C 210 -34.38 30.35 22.59
C GLU C 210 -34.49 31.25 23.81
N LEU C 211 -33.33 31.56 24.39
CA LEU C 211 -33.21 32.52 25.48
C LEU C 211 -32.99 33.91 24.92
N GLN C 212 -33.46 34.91 25.65
CA GLN C 212 -33.43 36.30 25.17
C GLN C 212 -33.12 37.20 26.36
N LEU C 213 -31.85 37.57 26.51
CA LEU C 213 -31.45 38.48 27.58
C LEU C 213 -31.88 39.88 27.21
N VAL C 214 -32.74 40.48 28.05
CA VAL C 214 -33.30 41.80 27.78
C VAL C 214 -32.83 42.74 28.87
N ARG C 215 -32.10 43.77 28.48
CA ARG C 215 -31.72 44.83 29.40
C ARG C 215 -32.92 45.73 29.68
N VAL C 216 -33.06 46.13 30.94
CA VAL C 216 -34.11 47.03 31.37
C VAL C 216 -33.42 48.28 31.90
N GLU C 217 -33.39 49.33 31.11
CA GLU C 217 -32.68 50.56 31.46
C GLU C 217 -33.68 51.64 31.85
N THR C 218 -33.44 52.30 32.97
CA THR C 218 -34.28 53.37 33.46
C THR C 218 -33.44 54.63 33.65
N CYS C 219 -34.03 55.77 33.32
CA CYS C 219 -33.39 57.06 33.45
C CYS C 219 -34.33 58.03 34.16
N GLY C 220 -33.75 58.89 35.00
CA GLY C 220 -34.51 59.94 35.65
C GLY C 220 -35.32 59.45 36.83
N CYS C 221 -36.12 60.38 37.36
CA CYS C 221 -36.99 60.09 38.50
C CYS C 221 -38.43 60.46 38.20
N ALA C 222 -39.29 60.43 39.21
CA ALA C 222 -40.69 60.76 39.05
C ALA C 222 -40.88 62.23 38.65
N TYR C 225 -38.41 59.66 34.28
CA TYR C 225 -38.64 58.25 34.51
C TYR C 225 -38.94 57.52 33.21
N ALA C 226 -37.90 57.27 32.42
CA ALA C 226 -38.03 56.54 31.16
C ALA C 226 -37.47 55.14 31.35
N ARG C 227 -38.30 54.13 31.06
CA ARG C 227 -37.93 52.74 31.21
C ARG C 227 -38.06 52.04 29.86
N ASP C 228 -36.97 51.40 29.42
CA ASP C 228 -37.00 50.66 28.17
C ASP C 228 -36.45 49.25 28.38
N ALA C 229 -36.90 48.34 27.53
CA ALA C 229 -36.45 46.96 27.51
C ALA C 229 -35.95 46.63 26.12
N THR C 230 -34.69 46.21 26.02
CA THR C 230 -34.08 45.96 24.72
C THR C 230 -33.29 44.66 24.76
N GLU C 231 -33.39 43.87 23.69
CA GLU C 231 -32.70 42.59 23.65
C GLU C 231 -31.20 42.79 23.51
N ILE C 232 -30.44 42.07 24.33
CA ILE C 232 -28.98 42.08 24.19
C ILE C 232 -28.53 41.02 23.21
N GLN C 233 -28.83 39.76 23.51
CA GLN C 233 -28.51 38.67 22.61
C GLN C 233 -29.59 37.61 22.71
N ASN C 234 -29.76 36.87 21.63
CA ASN C 234 -30.61 35.69 21.60
C ASN C 234 -29.74 34.46 21.46
N ILE C 235 -29.98 33.46 22.30
CA ILE C 235 -29.22 32.22 22.27
C ILE C 235 -30.23 31.07 22.18
N GLN C 236 -30.32 30.47 21.01
CA GLN C 236 -31.21 29.33 20.80
C GLN C 236 -30.67 28.10 21.53
N ILE C 237 -31.55 27.41 22.24
CA ILE C 237 -31.17 26.21 22.96
C ILE C 237 -31.84 24.95 22.43
N ALA C 238 -33.00 25.05 21.77
CA ALA C 238 -33.67 23.88 21.20
C ALA C 238 -34.04 24.18 19.76
N ASP C 239 -33.56 23.36 18.84
CA ASP C 239 -33.83 23.51 17.42
C ASP C 239 -34.57 22.27 16.92
N GLY C 240 -35.71 22.49 16.26
CA GLY C 240 -36.51 21.39 15.77
C GLY C 240 -37.34 20.76 16.88
N ASP C 241 -38.09 19.73 16.48
CA ASP C 241 -38.98 19.04 17.41
C ASP C 241 -38.16 18.19 18.36
N VAL C 242 -38.00 18.68 19.59
CA VAL C 242 -37.19 18.00 20.60
C VAL C 242 -38.01 16.86 21.21
N CYS C 243 -37.31 15.81 21.65
CA CYS C 243 -37.98 14.66 22.26
C CYS C 243 -38.81 15.10 23.46
N ARG C 244 -40.01 14.53 23.57
CA ARG C 244 -40.93 14.87 24.65
C ARG C 244 -40.50 14.15 25.92
N GLY C 245 -39.96 14.89 26.87
CA GLY C 245 -39.44 14.32 28.09
C GLY C 245 -37.94 14.36 28.25
N LEU C 246 -37.24 15.04 27.35
CA LEU C 246 -35.79 15.19 27.42
C LEU C 246 -35.44 16.57 27.94
N SER C 247 -34.51 16.62 28.88
CA SER C 247 -34.14 17.86 29.56
C SER C 247 -33.14 18.61 28.71
N VAL C 248 -33.63 19.55 27.90
CA VAL C 248 -32.74 20.43 27.14
C VAL C 248 -31.99 21.33 28.11
N PRO C 249 -30.67 21.45 28.02
CA PRO C 249 -29.94 22.28 28.99
C PRO C 249 -29.96 23.76 28.64
N ILE C 250 -30.58 24.55 29.51
CA ILE C 250 -30.50 26.00 29.41
C ILE C 250 -29.10 26.42 29.80
N TYR C 251 -28.35 26.98 28.86
CA TYR C 251 -27.00 27.46 29.12
C TYR C 251 -26.85 28.81 28.44
N MET C 252 -26.37 29.80 29.19
CA MET C 252 -26.19 31.13 28.62
C MET C 252 -24.97 31.80 29.22
N VAL C 253 -24.08 32.29 28.38
CA VAL C 253 -22.91 33.04 28.81
C VAL C 253 -23.23 34.53 28.69
N PHE C 254 -23.08 35.24 29.79
CA PHE C 254 -23.40 36.67 29.79
C PHE C 254 -22.37 37.44 28.98
N PRO C 255 -22.79 38.35 28.10
CA PRO C 255 -21.83 39.13 27.33
C PRO C 255 -20.97 40.01 28.23
N ARG C 256 -19.75 40.28 27.77
CA ARG C 256 -18.72 40.92 28.59
C ARG C 256 -19.12 42.32 29.05
N LEU C 257 -19.26 43.25 28.10
CA LEU C 257 -19.50 44.63 28.45
C LEU C 257 -20.95 45.06 28.27
N PHE C 258 -21.79 44.20 27.71
CA PHE C 258 -23.21 44.50 27.57
C PHE C 258 -24.01 44.12 28.81
N THR C 259 -23.37 43.48 29.78
CA THR C 259 -24.02 43.12 31.04
C THR C 259 -23.18 43.61 32.21
N CYS C 260 -23.84 44.16 33.21
CA CYS C 260 -23.23 44.65 34.43
C CYS C 260 -24.06 44.16 35.62
N PRO C 261 -23.48 44.15 36.82
CA PRO C 261 -24.29 43.88 38.00
C PRO C 261 -25.42 44.90 38.10
N THR C 262 -26.59 44.43 38.52
CA THR C 262 -27.78 45.27 38.55
C THR C 262 -27.50 46.53 39.36
N LEU C 263 -27.59 47.67 38.70
CA LEU C 263 -27.17 48.94 39.28
C LEU C 263 -28.39 49.83 39.48
N GLU C 264 -28.47 50.47 40.64
CA GLU C 264 -29.56 51.39 40.94
C GLU C 264 -28.98 52.65 41.57
N THR C 265 -29.17 53.78 40.91
CA THR C 265 -28.81 55.07 41.47
C THR C 265 -29.94 56.04 41.18
N THR C 266 -29.96 57.13 41.96
CA THR C 266 -31.09 58.05 41.93
C THR C 266 -31.37 58.58 40.53
N ASN C 267 -30.35 58.60 39.67
CA ASN C 267 -30.53 59.10 38.31
C ASN C 267 -30.83 58.00 37.31
N PHE C 268 -30.36 56.77 37.53
CA PHE C 268 -30.56 55.76 36.50
C PHE C 268 -30.48 54.35 37.09
N LYS C 269 -31.19 53.44 36.46
CA LYS C 269 -31.22 52.04 36.85
C LYS C 269 -30.92 51.16 35.65
N VAL C 270 -30.12 50.13 35.86
CA VAL C 270 -29.81 49.12 34.86
C VAL C 270 -30.11 47.77 35.47
N GLU C 271 -31.15 47.12 34.98
CA GLU C 271 -31.57 45.79 35.40
C GLU C 271 -31.53 44.85 34.19
N PHE C 272 -31.78 43.57 34.44
CA PHE C 272 -31.68 42.57 33.39
C PHE C 272 -32.77 41.53 33.55
N GLU C 273 -33.31 41.08 32.43
CA GLU C 273 -34.32 40.02 32.41
C GLU C 273 -33.96 39.01 31.33
N VAL C 274 -34.46 37.80 31.50
CA VAL C 274 -34.30 36.73 30.51
C VAL C 274 -35.69 36.28 30.06
N ASN C 275 -35.89 36.21 28.76
CA ASN C 275 -37.17 35.83 28.17
C ASN C 275 -37.01 34.50 27.46
N ILE C 276 -37.63 33.45 28.01
CA ILE C 276 -37.71 32.17 27.32
C ILE C 276 -38.90 32.23 26.37
N VAL C 277 -38.62 32.24 25.07
CA VAL C 277 -39.66 32.31 24.06
C VAL C 277 -39.66 31.00 23.28
N VAL C 278 -40.82 30.36 23.25
CA VAL C 278 -41.04 29.10 22.55
C VAL C 278 -41.77 29.39 21.26
N LEU C 279 -41.23 28.88 20.16
CA LEU C 279 -41.82 29.05 18.84
C LEU C 279 -42.41 27.71 18.40
N LEU C 280 -43.66 27.74 17.96
CA LEU C 280 -44.36 26.56 17.49
C LEU C 280 -44.43 26.58 15.97
N HIS C 281 -44.89 25.46 15.40
CA HIS C 281 -44.84 25.29 13.95
C HIS C 281 -45.66 26.33 13.18
N PRO C 282 -46.94 26.62 13.52
CA PRO C 282 -47.71 27.62 12.76
C PRO C 282 -47.45 29.06 13.20
N ASP C 283 -46.18 29.41 13.38
CA ASP C 283 -45.76 30.76 13.72
C ASP C 283 -46.46 31.29 14.98
N HIS C 284 -46.33 30.53 16.06
CA HIS C 284 -46.88 30.92 17.36
C HIS C 284 -45.75 31.13 18.35
N LEU C 285 -45.82 32.22 19.11
CA LEU C 285 -44.74 32.60 20.02
C LEU C 285 -45.29 32.74 21.43
N ILE C 286 -44.58 32.14 22.39
CA ILE C 286 -44.96 32.19 23.80
C ILE C 286 -43.78 32.69 24.60
N THR C 287 -44.02 33.67 25.47
CA THR C 287 -42.97 34.35 26.21
C THR C 287 -43.12 34.11 27.70
N GLU C 288 -42.01 33.79 28.37
CA GLU C 288 -41.93 33.75 29.83
C GLU C 288 -40.78 34.64 30.27
N ASN C 289 -41.08 35.58 31.16
CA ASN C 289 -40.12 36.60 31.57
C ASN C 289 -39.65 36.30 32.99
N PHE C 290 -38.34 36.25 33.19
CA PHE C 290 -37.74 36.06 34.50
C PHE C 290 -36.79 37.21 34.78
N PRO C 291 -37.05 38.05 35.78
CA PRO C 291 -36.15 39.17 36.08
C PRO C 291 -34.92 38.71 36.85
N LEU C 292 -33.77 38.74 36.19
CA LEU C 292 -32.54 38.31 36.84
C LEU C 292 -32.01 39.43 37.74
N LYS C 293 -31.00 39.07 38.54
CA LYS C 293 -30.32 40.03 39.41
C LYS C 293 -28.84 39.66 39.41
N LEU C 294 -28.09 40.28 38.51
CA LEU C 294 -26.68 39.97 38.36
C LEU C 294 -25.86 40.58 39.51
N CYS C 295 -24.79 39.89 39.87
CA CYS C 295 -23.92 40.35 40.94
C CYS C 295 -22.53 39.77 40.73
N ARG C 296 -21.55 40.34 41.44
CA ARG C 296 -20.18 39.87 41.41
C ARG C 296 -19.77 39.40 42.79
N ILE C 297 -19.23 38.19 42.87
CA ILE C 297 -18.71 37.67 44.12
C ILE C 297 -17.31 37.10 43.89
#